data_8TA3
#
_entry.id   8TA3
#
loop_
_entity.id
_entity.type
_entity.pdbx_description
1 polymer 'Chloride channel protein 2'
2 non-polymer 'CHLORIDE ION'
#
_entity_poly.entity_id   1
_entity_poly.type   'polypeptide(L)'
_entity_poly.pdbx_seq_one_letter_code
;MAAAAAEEGMEPRALQYEQTLMYGRYTQDLGAFAKEEAARIRLGGPEPWKGPPSSRAAPELLEYGRSRCARCRVCSVRCH
KFLVSRVGEDWIFLVLLGLLMALVSWVMDYAIAACLQAQQWMSRGLNTSILLQYLAWVTYPVVLITFSAGFTQILAPQAV
GSGIPEMKTILRGVVLKEYLTLKTFIAKVIGLTCALGSGMPLGKEGPFVHIASMCAALLSKFLSLFGGIYENESRNTEML
AAACAVGVGCCFAAPIGGVLFSIEVTSTFFAVRNYWRGFFAATFSAFIFRVLAVWNRDEETITALFKTRFRLDFPFDLQE
LPAFAVIGIASGFGGALFVYLNRKIVQVMRKQKTINRFLMRKRLLFPALVTLLISTLTFPPGFGQFMAGQLSQKETLVTL
FDNRTWVRQGLVEELEPPSTSQAWNPPRANVFLTLVIFILMKFWMSALATTIPVPCGAFMPVFVIGAAFGRLVGESMAAW
FPDGIHTDSSTYRIVPGGYAVVGAAALAGAVTHTVSTAVIVFELTGQIAHILPVMIAVILANAVAQSLQPSLYDSIIRIK
KLPYLPELGWGRHQQYRVRVEDIMVRDVPHVALSCTFRDLRLALHRTKGRMLALVESPESMILLGSIERSQVVALLGAQL
SPARRRQHMQERRATQTSPLSDQEGPPSPEASVCFQVNTEDSAFPAARGETHKPLKPALKRGPSVTRNLGESPTGSAESA
GIALRSLFCGSPPPEAASEKLESCEKRKLKRVRISLASDADLEGEMSPEEILEWEEQQLDEPVNFSDCKIDPAPFQLVER
TSLHKLRKAIEGSVTAQGVKVRPPLASFRDSATSSSDTETTEVHALWGPHSRHGLPREGSPSDSDDKCQ
;
_entity_poly.pdbx_strand_id   A,B
#
loop_
_chem_comp.id
_chem_comp.type
_chem_comp.name
_chem_comp.formula
CL non-polymer 'CHLORIDE ION' 'Cl -1'
#
# COMPACT_ATOMS: atom_id res chain seq x y z
N ALA A 14 -2.66 8.69 -37.21
CA ALA A 14 -2.49 9.43 -35.95
C ALA A 14 -3.53 10.55 -35.83
N LEU A 15 -4.06 10.79 -34.63
CA LEU A 15 -4.90 11.95 -34.34
C LEU A 15 -4.06 13.24 -34.31
N GLN A 16 -4.66 14.34 -34.76
CA GLN A 16 -4.08 15.69 -34.85
C GLN A 16 -4.75 16.64 -33.83
N TYR A 17 -3.96 17.42 -33.09
CA TYR A 17 -4.47 18.36 -32.09
C TYR A 17 -5.06 19.64 -32.70
N GLU A 18 -6.14 20.15 -32.12
CA GLU A 18 -6.83 21.38 -32.50
C GLU A 18 -7.00 22.31 -31.27
N GLN A 19 -6.61 23.58 -31.40
CA GLN A 19 -6.72 24.59 -30.34
C GLN A 19 -8.17 25.03 -30.08
N THR A 20 -8.43 25.53 -28.87
CA THR A 20 -9.73 26.02 -28.36
C THR A 20 -9.44 26.99 -27.21
N LEU A 21 -10.44 27.68 -26.66
CA LEU A 21 -10.22 28.59 -25.51
C LEU A 21 -9.62 27.86 -24.28
N MET A 22 -9.98 26.60 -24.06
CA MET A 22 -9.65 25.81 -22.86
C MET A 22 -8.84 24.53 -23.18
N TYR A 23 -9.45 23.34 -23.17
CA TYR A 23 -8.73 22.06 -23.28
C TYR A 23 -8.25 21.67 -24.69
N GLY A 24 -8.85 22.23 -25.74
CA GLY A 24 -8.61 21.78 -27.13
C GLY A 24 -9.41 20.53 -27.51
N ARG A 25 -9.10 19.95 -28.67
CA ARG A 25 -9.69 18.73 -29.24
C ARG A 25 -8.65 17.93 -30.01
N TYR A 26 -8.97 16.68 -30.32
CA TYR A 26 -8.25 15.88 -31.32
C TYR A 26 -9.18 15.53 -32.50
N THR A 27 -8.60 15.42 -33.69
CA THR A 27 -9.31 15.14 -34.95
C THR A 27 -8.60 14.10 -35.81
N GLN A 28 -9.34 13.40 -36.67
CA GLN A 28 -8.84 12.37 -37.57
C GLN A 28 -8.10 12.98 -38.76
N GLY A 88 19.39 -8.21 -18.93
CA GLY A 88 19.48 -7.14 -17.94
C GLY A 88 19.18 -5.72 -18.45
N GLU A 89 18.83 -5.57 -19.73
CA GLU A 89 18.53 -4.28 -20.36
C GLU A 89 17.31 -3.59 -19.75
N ASP A 90 16.35 -4.34 -19.21
CA ASP A 90 15.20 -3.79 -18.50
C ASP A 90 15.58 -3.15 -17.16
N TRP A 91 16.56 -3.70 -16.43
CA TRP A 91 17.09 -3.07 -15.23
C TRP A 91 17.88 -1.80 -15.55
N ILE A 92 18.69 -1.80 -16.62
CA ILE A 92 19.45 -0.60 -17.03
C ILE A 92 18.48 0.54 -17.40
N PHE A 93 17.42 0.25 -18.16
CA PHE A 93 16.37 1.23 -18.45
C PHE A 93 15.66 1.75 -17.19
N LEU A 94 15.19 0.88 -16.29
CA LEU A 94 14.46 1.29 -15.09
C LEU A 94 15.34 2.04 -14.07
N VAL A 95 16.64 1.79 -14.00
CA VAL A 95 17.59 2.60 -13.20
C VAL A 95 17.70 4.01 -13.75
N LEU A 96 17.95 4.17 -15.05
CA LEU A 96 18.11 5.49 -15.68
C LEU A 96 16.81 6.29 -15.71
N LEU A 97 15.65 5.64 -15.87
CA LEU A 97 14.34 6.29 -15.75
C LEU A 97 14.09 6.81 -14.33
N GLY A 98 14.39 6.01 -13.30
CA GLY A 98 14.25 6.40 -11.90
C GLY A 98 15.20 7.54 -11.49
N LEU A 99 16.42 7.57 -12.04
CA LEU A 99 17.40 8.65 -11.85
C LEU A 99 16.96 9.96 -12.53
N LEU A 100 16.66 9.94 -13.83
CA LEU A 100 16.32 11.15 -14.59
C LEU A 100 15.07 11.86 -14.05
N MET A 101 13.98 11.15 -13.77
CA MET A 101 12.79 11.81 -13.25
C MET A 101 12.98 12.36 -11.83
N ALA A 102 13.89 11.79 -11.02
CA ALA A 102 14.25 12.36 -9.72
C ALA A 102 15.09 13.64 -9.85
N LEU A 103 16.07 13.67 -10.76
CA LEU A 103 16.85 14.89 -11.06
C LEU A 103 15.99 16.01 -11.67
N VAL A 104 15.13 15.71 -12.65
CA VAL A 104 14.20 16.69 -13.24
C VAL A 104 13.24 17.24 -12.19
N SER A 105 12.64 16.37 -11.37
CA SER A 105 11.73 16.77 -10.30
C SER A 105 12.42 17.66 -9.25
N TRP A 106 13.68 17.39 -8.90
CA TRP A 106 14.45 18.24 -7.99
C TRP A 106 14.72 19.64 -8.56
N VAL A 107 15.19 19.73 -9.82
CA VAL A 107 15.44 21.02 -10.49
C VAL A 107 14.15 21.87 -10.58
N MET A 108 12.99 21.28 -10.89
CA MET A 108 11.73 22.01 -10.94
C MET A 108 11.27 22.51 -9.56
N ASP A 109 11.33 21.70 -8.51
CA ASP A 109 10.94 22.13 -7.16
C ASP A 109 11.82 23.27 -6.64
N TYR A 110 13.11 23.27 -7.00
CA TYR A 110 14.03 24.36 -6.69
C TYR A 110 13.64 25.67 -7.41
N ALA A 111 13.34 25.62 -8.71
CA ALA A 111 12.90 26.78 -9.49
C ALA A 111 11.53 27.33 -9.05
N ILE A 112 10.56 26.49 -8.69
CA ILE A 112 9.26 26.93 -8.15
C ILE A 112 9.43 27.60 -6.79
N ALA A 113 10.26 27.05 -5.89
CA ALA A 113 10.53 27.68 -4.60
C ALA A 113 11.24 29.04 -4.75
N ALA A 114 12.16 29.19 -5.69
CA ALA A 114 12.75 30.49 -6.03
C ALA A 114 11.71 31.52 -6.53
N CYS A 115 10.75 31.12 -7.38
CA CYS A 115 9.67 32.02 -7.80
C CYS A 115 8.75 32.41 -6.63
N LEU A 116 8.43 31.50 -5.71
CA LEU A 116 7.60 31.81 -4.54
C LEU A 116 8.33 32.67 -3.49
N GLN A 117 9.66 32.62 -3.42
CA GLN A 117 10.47 33.50 -2.56
C GLN A 117 10.54 34.94 -3.11
N ALA A 118 10.59 35.11 -4.42
CA ALA A 118 10.58 36.44 -5.05
C ALA A 118 9.27 37.23 -4.79
N GLN A 119 8.12 36.58 -4.68
CA GLN A 119 6.87 37.23 -4.26
C GLN A 119 6.98 37.81 -2.83
N GLN A 120 7.63 37.09 -1.90
CA GLN A 120 7.89 37.59 -0.54
C GLN A 120 8.87 38.77 -0.53
N TRP A 121 9.92 38.74 -1.36
CA TRP A 121 10.86 39.86 -1.51
C TRP A 121 10.20 41.13 -2.08
N MET A 122 9.29 41.00 -3.05
CA MET A 122 8.49 42.15 -3.52
C MET A 122 7.57 42.67 -2.41
N SER A 123 6.84 41.79 -1.72
CA SER A 123 5.91 42.16 -0.63
C SER A 123 6.59 42.84 0.57
N ARG A 124 7.77 42.35 1.01
CA ARG A 124 8.53 42.94 2.14
C ARG A 124 9.12 44.31 1.82
N GLY A 125 9.45 44.60 0.56
CA GLY A 125 9.99 45.90 0.16
C GLY A 125 8.91 46.97 -0.07
N LEU A 126 7.83 46.64 -0.78
CA LEU A 126 6.87 47.61 -1.32
C LEU A 126 5.77 48.02 -0.31
N ASN A 127 6.09 48.09 0.98
CA ASN A 127 5.18 48.45 2.07
C ASN A 127 4.83 49.96 2.16
N THR A 128 5.11 50.76 1.13
CA THR A 128 4.86 52.22 1.12
C THR A 128 3.37 52.56 1.28
N SER A 129 2.49 51.78 0.65
CA SER A 129 1.03 51.91 0.76
C SER A 129 0.31 50.64 0.29
N ILE A 130 -0.99 50.53 0.60
CA ILE A 130 -1.85 49.44 0.12
C ILE A 130 -1.85 49.36 -1.42
N LEU A 131 -1.77 50.49 -2.12
CA LEU A 131 -1.74 50.54 -3.59
C LEU A 131 -0.48 49.87 -4.15
N LEU A 132 0.71 50.19 -3.63
CA LEU A 132 1.95 49.54 -4.07
C LEU A 132 1.96 48.05 -3.70
N GLN A 133 1.38 47.67 -2.56
CA GLN A 133 1.23 46.27 -2.16
C GLN A 133 0.27 45.51 -3.08
N TYR A 134 -0.89 46.07 -3.42
CA TYR A 134 -1.86 45.46 -4.33
C TYR A 134 -1.28 45.26 -5.73
N LEU A 135 -0.64 46.29 -6.29
CA LEU A 135 -0.05 46.20 -7.63
C LEU A 135 1.10 45.20 -7.67
N ALA A 136 1.91 45.08 -6.63
CA ALA A 136 2.89 44.01 -6.52
C ALA A 136 2.23 42.62 -6.46
N TRP A 137 1.17 42.47 -5.67
CA TRP A 137 0.44 41.21 -5.48
C TRP A 137 -0.21 40.67 -6.75
N VAL A 138 -0.91 41.49 -7.54
CA VAL A 138 -1.58 41.02 -8.77
C VAL A 138 -0.68 41.02 -10.00
N THR A 139 0.32 41.89 -10.11
CA THR A 139 1.19 41.94 -11.29
C THR A 139 2.11 40.73 -11.40
N TYR A 140 2.69 40.26 -10.30
CA TYR A 140 3.60 39.12 -10.34
C TYR A 140 2.98 37.82 -10.91
N PRO A 141 1.80 37.35 -10.42
CA PRO A 141 1.15 36.16 -10.97
C PRO A 141 0.58 36.39 -12.37
N VAL A 142 0.02 37.56 -12.68
CA VAL A 142 -0.45 37.87 -14.05
C VAL A 142 0.69 37.81 -15.06
N VAL A 143 1.90 38.26 -14.74
CA VAL A 143 3.07 38.16 -15.63
C VAL A 143 3.53 36.71 -15.82
N LEU A 144 3.63 35.92 -14.75
CA LEU A 144 4.02 34.50 -14.84
C LEU A 144 3.00 33.64 -15.61
N ILE A 145 1.69 33.80 -15.39
CA ILE A 145 0.66 33.07 -16.14
C ILE A 145 0.59 33.51 -17.61
N THR A 146 0.70 34.82 -17.90
CA THR A 146 0.71 35.32 -19.29
C THR A 146 1.93 34.81 -20.06
N PHE A 147 3.10 34.76 -19.43
CA PHE A 147 4.28 34.13 -20.02
C PHE A 147 4.15 32.61 -20.19
N SER A 148 3.59 31.88 -19.22
CA SER A 148 3.35 30.44 -19.33
C SER A 148 2.42 30.09 -20.50
N ALA A 149 1.28 30.77 -20.60
CA ALA A 149 0.35 30.59 -21.70
C ALA A 149 0.98 30.96 -23.05
N GLY A 150 1.61 32.13 -23.18
CA GLY A 150 2.25 32.58 -24.41
C GLY A 150 3.38 31.69 -24.89
N PHE A 151 4.29 31.28 -24.00
CA PHE A 151 5.41 30.40 -24.31
C PHE A 151 4.94 29.02 -24.78
N THR A 152 3.87 28.48 -24.18
CA THR A 152 3.32 27.17 -24.56
C THR A 152 2.72 27.19 -25.97
N GLN A 153 1.93 28.22 -26.33
CA GLN A 153 1.32 28.31 -27.67
C GLN A 153 2.37 28.47 -28.78
N ILE A 154 3.47 29.16 -28.53
CA ILE A 154 4.52 29.39 -29.54
C ILE A 154 5.31 28.10 -29.80
N LEU A 155 5.60 27.31 -28.77
CA LEU A 155 6.50 26.17 -28.85
C LEU A 155 5.79 24.81 -29.10
N ALA A 156 4.70 24.52 -28.40
CA ALA A 156 3.97 23.24 -28.50
C ALA A 156 2.56 23.34 -27.90
N PRO A 157 1.53 23.73 -28.68
CA PRO A 157 0.16 23.94 -28.19
C PRO A 157 -0.47 22.75 -27.44
N GLN A 158 -0.11 21.52 -27.78
CA GLN A 158 -0.63 20.29 -27.16
C GLN A 158 -0.16 20.05 -25.71
N ALA A 159 0.77 20.84 -25.17
CA ALA A 159 1.28 20.70 -23.81
C ALA A 159 0.37 21.29 -22.71
N VAL A 160 -0.65 22.09 -23.06
CA VAL A 160 -1.63 22.64 -22.10
C VAL A 160 -2.43 21.53 -21.39
N GLY A 161 -2.96 21.82 -20.20
CA GLY A 161 -3.73 20.86 -19.42
C GLY A 161 -2.90 19.74 -18.78
N SER A 162 -3.54 18.62 -18.47
CA SER A 162 -3.05 17.55 -17.60
C SER A 162 -1.97 16.66 -18.23
N GLY A 163 -2.34 15.52 -18.80
CA GLY A 163 -1.42 14.47 -19.25
C GLY A 163 -1.92 13.06 -18.99
N ILE A 164 -2.75 12.83 -17.98
CA ILE A 164 -3.33 11.50 -17.69
C ILE A 164 -4.35 11.06 -18.77
N PRO A 165 -5.36 11.84 -19.16
CA PRO A 165 -6.30 11.51 -20.25
C PRO A 165 -5.61 11.10 -21.57
N GLU A 166 -4.53 11.77 -21.92
CA GLU A 166 -3.76 11.50 -23.13
C GLU A 166 -2.88 10.25 -23.01
N MET A 167 -2.22 10.01 -21.87
CA MET A 167 -1.43 8.78 -21.70
C MET A 167 -2.33 7.54 -21.61
N LYS A 168 -3.51 7.65 -20.98
CA LYS A 168 -4.54 6.60 -20.99
C LYS A 168 -4.96 6.22 -22.41
N THR A 169 -5.03 7.20 -23.31
CA THR A 169 -5.34 6.99 -24.72
C THR A 169 -4.17 6.41 -25.52
N ILE A 170 -2.93 6.83 -25.28
CA ILE A 170 -1.74 6.25 -25.94
C ILE A 170 -1.49 4.80 -25.51
N LEU A 171 -1.74 4.44 -24.24
CA LEU A 171 -1.62 3.06 -23.74
C LEU A 171 -2.66 2.09 -24.34
N ARG A 172 -3.83 2.58 -24.76
CA ARG A 172 -4.82 1.84 -25.55
C ARG A 172 -4.47 1.69 -27.05
N GLY A 173 -3.29 2.12 -27.47
CA GLY A 173 -2.76 1.90 -28.83
C GLY A 173 -3.10 2.99 -29.86
N VAL A 174 -3.79 4.05 -29.46
CA VAL A 174 -4.01 5.26 -30.28
C VAL A 174 -2.71 6.04 -30.43
N VAL A 175 -2.46 6.67 -31.58
CA VAL A 175 -1.29 7.53 -31.81
C VAL A 175 -1.72 9.00 -31.85
N LEU A 176 -1.12 9.86 -31.02
CA LEU A 176 -1.29 11.32 -31.01
C LEU A 176 -0.03 11.97 -31.60
N LYS A 177 -0.16 12.86 -32.60
CA LYS A 177 0.89 13.11 -33.61
C LYS A 177 2.28 13.44 -33.08
N GLU A 178 2.40 14.40 -32.16
CA GLU A 178 3.70 14.95 -31.72
C GLU A 178 3.89 14.95 -30.19
N TYR A 179 3.07 14.21 -29.46
CA TYR A 179 2.84 14.36 -28.02
C TYR A 179 4.04 14.03 -27.11
N LEU A 180 4.99 13.22 -27.57
CA LEU A 180 6.19 12.80 -26.80
C LEU A 180 7.50 13.28 -27.45
N THR A 181 7.51 14.48 -28.02
CA THR A 181 8.68 15.13 -28.65
C THR A 181 9.44 16.08 -27.71
N LEU A 182 10.69 16.43 -28.05
CA LEU A 182 11.55 17.34 -27.28
C LEU A 182 10.97 18.77 -27.13
N LYS A 183 10.36 19.34 -28.18
CA LYS A 183 9.66 20.64 -28.08
C LYS A 183 8.48 20.60 -27.13
N THR A 184 7.81 19.45 -27.01
CA THR A 184 6.73 19.26 -26.04
C THR A 184 7.29 19.19 -24.61
N PHE A 185 8.43 18.51 -24.41
CA PHE A 185 9.12 18.45 -23.12
C PHE A 185 9.56 19.84 -22.62
N ILE A 186 10.21 20.63 -23.47
CA ILE A 186 10.63 22.01 -23.12
C ILE A 186 9.43 22.90 -22.80
N ALA A 187 8.36 22.87 -23.61
CA ALA A 187 7.14 23.61 -23.32
C ALA A 187 6.46 23.18 -22.01
N LYS A 188 6.44 21.88 -21.68
CA LYS A 188 5.84 21.36 -20.44
C LYS A 188 6.64 21.77 -19.20
N VAL A 189 7.97 21.66 -19.23
CA VAL A 189 8.85 21.95 -18.08
C VAL A 189 8.93 23.44 -17.76
N ILE A 190 9.23 24.29 -18.75
CA ILE A 190 9.26 25.74 -18.57
C ILE A 190 7.87 26.29 -18.24
N GLY A 191 6.83 25.80 -18.91
CA GLY A 191 5.45 26.26 -18.74
C GLY A 191 4.83 25.91 -17.39
N LEU A 192 5.06 24.70 -16.87
CA LEU A 192 4.61 24.29 -15.53
C LEU A 192 5.35 25.02 -14.41
N THR A 193 6.66 25.25 -14.57
CA THR A 193 7.47 26.02 -13.60
C THR A 193 6.92 27.43 -13.42
N CYS A 194 6.59 28.13 -14.51
CA CYS A 194 5.97 29.47 -14.45
C CYS A 194 4.52 29.43 -13.94
N ALA A 195 3.73 28.42 -14.28
CA ALA A 195 2.36 28.30 -13.79
C ALA A 195 2.32 28.09 -12.26
N LEU A 196 3.14 27.19 -11.71
CA LEU A 196 3.22 26.92 -10.27
C LEU A 196 3.99 27.96 -9.46
N GLY A 197 4.94 28.70 -10.06
CA GLY A 197 5.62 29.82 -9.41
C GLY A 197 4.69 31.00 -9.09
N SER A 198 3.56 31.13 -9.79
CA SER A 198 2.44 31.99 -9.37
C SER A 198 1.67 31.35 -8.20
N GLY A 199 0.90 32.13 -7.45
CA GLY A 199 0.06 31.58 -6.37
C GLY A 199 -1.24 30.89 -6.84
N MET A 200 -1.40 30.54 -8.11
CA MET A 200 -2.63 29.97 -8.65
C MET A 200 -2.92 28.55 -8.11
N PRO A 201 -4.20 28.19 -7.86
CA PRO A 201 -4.59 26.88 -7.32
C PRO A 201 -4.49 25.74 -8.35
N LEU A 202 -3.26 25.35 -8.68
CA LEU A 202 -2.89 24.35 -9.69
C LEU A 202 -2.10 23.19 -9.07
N GLY A 203 -2.14 22.01 -9.69
CA GLY A 203 -1.36 20.82 -9.32
C GLY A 203 -0.34 20.40 -10.37
N LYS A 204 0.32 19.25 -10.18
CA LYS A 204 1.32 18.69 -11.11
C LYS A 204 1.29 17.17 -11.33
N GLU A 205 0.30 16.44 -10.85
CA GLU A 205 0.22 14.97 -11.00
C GLU A 205 0.17 14.53 -12.47
N GLY A 206 -0.70 15.12 -13.28
CA GLY A 206 -0.80 14.85 -14.72
C GLY A 206 0.41 15.33 -15.53
N PRO A 207 0.85 16.59 -15.36
CA PRO A 207 2.07 17.07 -15.98
C PRO A 207 3.30 16.22 -15.70
N PHE A 208 3.49 15.68 -14.49
CA PHE A 208 4.60 14.77 -14.18
C PHE A 208 4.44 13.39 -14.82
N VAL A 209 3.22 12.87 -15.00
CA VAL A 209 2.96 11.66 -15.81
C VAL A 209 3.36 11.85 -17.27
N HIS A 210 3.08 13.01 -17.86
CA HIS A 210 3.53 13.37 -19.20
C HIS A 210 5.05 13.58 -19.28
N ILE A 211 5.66 14.30 -18.34
CA ILE A 211 7.13 14.51 -18.29
C ILE A 211 7.87 13.18 -18.08
N ALA A 212 7.41 12.29 -17.20
CA ALA A 212 8.02 10.97 -17.03
C ALA A 212 7.92 10.12 -18.31
N SER A 213 6.78 10.15 -19.00
CA SER A 213 6.58 9.49 -20.28
C SER A 213 7.48 10.03 -21.40
N MET A 214 7.73 11.33 -21.42
CA MET A 214 8.72 11.94 -22.32
C MET A 214 10.17 11.57 -21.94
N CYS A 215 10.51 11.40 -20.67
CA CYS A 215 11.80 10.83 -20.26
C CYS A 215 11.97 9.39 -20.78
N ALA A 216 10.97 8.52 -20.60
CA ALA A 216 10.98 7.14 -21.08
C ALA A 216 11.07 7.04 -22.61
N ALA A 217 10.32 7.85 -23.36
CA ALA A 217 10.39 7.89 -24.82
C ALA A 217 11.76 8.38 -25.34
N LEU A 218 12.34 9.43 -24.74
CA LEU A 218 13.67 9.90 -25.12
C LEU A 218 14.80 8.95 -24.65
N LEU A 219 14.65 8.24 -23.53
CA LEU A 219 15.53 7.11 -23.16
C LEU A 219 15.46 5.97 -24.19
N SER A 220 14.25 5.55 -24.56
CA SER A 220 14.04 4.41 -25.48
C SER A 220 14.62 4.63 -26.87
N LYS A 221 14.74 5.89 -27.30
CA LYS A 221 15.41 6.30 -28.54
C LYS A 221 16.92 6.47 -28.38
N PHE A 222 17.42 6.74 -27.17
CA PHE A 222 18.85 6.83 -26.88
C PHE A 222 19.53 5.45 -26.72
N LEU A 223 18.89 4.50 -26.02
CA LEU A 223 19.30 3.09 -25.97
C LEU A 223 18.20 2.15 -26.47
N SER A 224 18.41 1.54 -27.64
CA SER A 224 17.38 0.83 -28.40
C SER A 224 16.76 -0.34 -27.62
N GLU A 231 9.60 -7.15 -32.17
CA GLU A 231 9.63 -6.71 -30.76
C GLU A 231 9.93 -5.21 -30.59
N ASN A 232 9.81 -4.41 -31.65
CA ASN A 232 9.88 -2.94 -31.54
C ASN A 232 8.62 -2.36 -30.85
N GLU A 233 7.43 -2.86 -31.20
CA GLU A 233 6.17 -2.56 -30.51
C GLU A 233 6.06 -3.29 -29.15
N SER A 234 5.08 -2.90 -28.33
CA SER A 234 4.76 -3.48 -27.00
C SER A 234 5.83 -3.30 -25.91
N ARG A 235 7.13 -3.41 -26.22
CA ARG A 235 8.21 -2.98 -25.30
C ARG A 235 8.04 -1.51 -24.89
N ASN A 236 7.79 -0.63 -25.86
CA ASN A 236 7.52 0.78 -25.60
C ASN A 236 6.26 0.99 -24.76
N THR A 237 5.19 0.23 -25.00
CA THR A 237 3.95 0.32 -24.20
C THR A 237 4.17 -0.12 -22.75
N GLU A 238 5.02 -1.10 -22.49
CA GLU A 238 5.46 -1.47 -21.15
C GLU A 238 6.43 -0.45 -20.51
N MET A 239 7.29 0.20 -21.30
CA MET A 239 8.14 1.30 -20.82
C MET A 239 7.34 2.55 -20.43
N LEU A 240 6.28 2.88 -21.18
CA LEU A 240 5.37 3.98 -20.82
C LEU A 240 4.51 3.66 -19.59
N ALA A 241 4.16 2.40 -19.35
CA ALA A 241 3.43 2.00 -18.15
C ALA A 241 4.28 2.19 -16.87
N ALA A 242 5.57 1.86 -16.92
CA ALA A 242 6.50 2.12 -15.80
C ALA A 242 6.73 3.62 -15.59
N ALA A 243 6.87 4.40 -16.68
CA ALA A 243 7.03 5.85 -16.61
C ALA A 243 5.85 6.55 -15.93
N CYS A 244 4.62 6.14 -16.17
CA CYS A 244 3.46 6.68 -15.46
C CYS A 244 3.57 6.47 -13.94
N ALA A 245 4.10 5.34 -13.48
CA ALA A 245 4.26 5.04 -12.06
C ALA A 245 5.37 5.88 -11.40
N VAL A 246 6.51 6.03 -12.06
CA VAL A 246 7.62 6.88 -11.62
C VAL A 246 7.22 8.35 -11.53
N GLY A 247 6.46 8.87 -12.49
CA GLY A 247 5.99 10.26 -12.50
C GLY A 247 5.10 10.62 -11.31
N VAL A 248 4.10 9.78 -10.99
CA VAL A 248 3.27 9.98 -9.79
C VAL A 248 4.07 9.78 -8.50
N GLY A 249 4.97 8.80 -8.44
CA GLY A 249 5.84 8.59 -7.29
C GLY A 249 6.77 9.77 -6.98
N CYS A 250 7.37 10.39 -8.00
CA CYS A 250 8.19 11.61 -7.83
C CYS A 250 7.35 12.83 -7.44
N CYS A 251 6.13 12.96 -7.95
CA CYS A 251 5.23 14.07 -7.62
C CYS A 251 4.91 14.17 -6.12
N PHE A 252 4.55 13.05 -5.48
CA PHE A 252 4.18 13.01 -4.06
C PHE A 252 5.32 12.58 -3.13
N ALA A 253 6.47 12.16 -3.64
CA ALA A 253 7.49 11.42 -2.89
C ALA A 253 6.88 10.22 -2.13
N ALA A 254 6.01 9.47 -2.81
CA ALA A 254 5.18 8.39 -2.27
C ALA A 254 5.36 7.13 -3.12
N PRO A 255 6.43 6.33 -2.88
CA PRO A 255 6.88 5.28 -3.79
C PRO A 255 5.89 4.13 -4.06
N ILE A 256 5.08 3.67 -3.10
CA ILE A 256 4.12 2.58 -3.32
C ILE A 256 2.78 3.14 -3.80
N GLY A 257 2.26 4.18 -3.17
CA GLY A 257 0.97 4.78 -3.49
C GLY A 257 0.91 5.38 -4.89
N GLY A 258 2.01 5.96 -5.38
CA GLY A 258 2.10 6.47 -6.74
C GLY A 258 2.05 5.40 -7.82
N VAL A 259 2.64 4.22 -7.55
CA VAL A 259 2.54 3.04 -8.44
C VAL A 259 1.09 2.55 -8.51
N LEU A 260 0.44 2.34 -7.37
CA LEU A 260 -0.95 1.87 -7.31
C LEU A 260 -1.95 2.87 -7.95
N PHE A 261 -1.81 4.17 -7.71
CA PHE A 261 -2.63 5.23 -8.30
C PHE A 261 -2.48 5.30 -9.83
N SER A 262 -1.26 5.19 -10.37
CA SER A 262 -1.04 5.20 -11.82
C SER A 262 -1.73 4.03 -12.54
N ILE A 263 -1.80 2.84 -11.90
CA ILE A 263 -2.51 1.67 -12.40
C ILE A 263 -4.02 1.92 -12.44
N GLU A 264 -4.61 2.50 -11.41
CA GLU A 264 -6.04 2.83 -11.39
C GLU A 264 -6.46 3.88 -12.42
N VAL A 265 -5.65 4.91 -12.68
CA VAL A 265 -6.03 6.01 -13.58
C VAL A 265 -5.66 5.78 -15.05
N THR A 266 -4.65 4.96 -15.38
CA THR A 266 -4.22 4.74 -16.78
C THR A 266 -4.61 3.41 -17.41
N SER A 267 -5.29 2.49 -16.70
CA SER A 267 -5.61 1.13 -17.21
C SER A 267 -6.90 0.56 -16.62
N THR A 268 -7.43 -0.53 -17.19
CA THR A 268 -8.50 -1.36 -16.60
C THR A 268 -8.00 -2.73 -16.12
N PHE A 269 -7.03 -3.31 -16.81
CA PHE A 269 -6.29 -4.52 -16.44
C PHE A 269 -4.79 -4.24 -16.53
N PHE A 270 -4.02 -4.68 -15.54
CA PHE A 270 -2.57 -4.49 -15.50
C PHE A 270 -1.86 -5.79 -15.12
N ALA A 271 -0.77 -6.13 -15.79
CA ALA A 271 0.00 -7.31 -15.43
C ALA A 271 0.67 -7.11 -14.06
N VAL A 272 0.73 -8.17 -13.26
CA VAL A 272 1.54 -8.21 -12.03
C VAL A 272 3.01 -7.90 -12.32
N ARG A 273 3.51 -8.34 -13.48
CA ARG A 273 4.88 -8.06 -13.96
C ARG A 273 5.19 -6.58 -14.16
N ASN A 274 4.21 -5.75 -14.54
CA ASN A 274 4.41 -4.31 -14.64
C ASN A 274 4.26 -3.58 -13.29
N TYR A 275 3.49 -4.11 -12.33
CA TYR A 275 3.49 -3.64 -10.95
C TYR A 275 4.87 -3.80 -10.28
N TRP A 276 5.59 -4.88 -10.58
CA TRP A 276 6.99 -5.05 -10.16
C TRP A 276 7.96 -4.06 -10.82
N ARG A 277 7.80 -3.78 -12.10
CA ARG A 277 8.64 -2.81 -12.84
C ARG A 277 8.46 -1.37 -12.36
N GLY A 278 7.23 -0.98 -12.03
CA GLY A 278 6.92 0.31 -11.41
C GLY A 278 7.51 0.44 -10.01
N PHE A 279 7.35 -0.57 -9.14
CA PHE A 279 7.90 -0.61 -7.78
C PHE A 279 9.44 -0.55 -7.77
N PHE A 280 10.12 -1.24 -8.69
CA PHE A 280 11.56 -1.16 -8.87
C PHE A 280 12.04 0.26 -9.20
N ALA A 281 11.49 0.89 -10.23
CA ALA A 281 11.93 2.22 -10.68
C ALA A 281 11.60 3.33 -9.68
N ALA A 282 10.43 3.29 -9.03
CA ALA A 282 10.04 4.20 -7.97
C ALA A 282 10.94 4.10 -6.71
N THR A 283 11.44 2.91 -6.36
CA THR A 283 12.39 2.75 -5.23
C THR A 283 13.71 3.47 -5.50
N PHE A 284 14.22 3.40 -6.73
CA PHE A 284 15.46 4.09 -7.10
C PHE A 284 15.31 5.62 -7.12
N SER A 285 14.16 6.17 -7.53
CA SER A 285 13.87 7.60 -7.34
C SER A 285 13.87 8.02 -5.87
N ALA A 286 13.27 7.23 -4.98
CA ALA A 286 13.24 7.49 -3.54
C ALA A 286 14.65 7.47 -2.90
N PHE A 287 15.52 6.57 -3.34
CA PHE A 287 16.92 6.57 -2.96
C PHE A 287 17.67 7.82 -3.42
N ILE A 288 17.46 8.29 -4.65
CA ILE A 288 18.11 9.51 -5.16
C ILE A 288 17.60 10.75 -4.43
N PHE A 289 16.32 10.87 -4.09
CA PHE A 289 15.84 11.94 -3.21
C PHE A 289 16.45 11.91 -1.81
N ARG A 290 16.64 10.74 -1.18
CA ARG A 290 17.31 10.62 0.12
C ARG A 290 18.77 11.08 0.06
N VAL A 291 19.51 10.76 -0.99
CA VAL A 291 20.85 11.32 -1.22
C VAL A 291 20.80 12.84 -1.40
N LEU A 292 19.93 13.37 -2.27
CA LEU A 292 19.85 14.81 -2.54
C LEU A 292 19.48 15.63 -1.29
N ALA A 293 18.65 15.12 -0.39
CA ALA A 293 18.30 15.76 0.88
C ALA A 293 19.44 15.79 1.93
N VAL A 294 20.58 15.14 1.66
CA VAL A 294 21.78 15.12 2.51
C VAL A 294 22.95 15.84 1.83
N TRP A 295 23.09 15.75 0.50
CA TRP A 295 24.07 16.50 -0.27
C TRP A 295 23.74 18.01 -0.39
N ASN A 296 22.50 18.33 -0.77
CA ASN A 296 21.91 19.67 -0.61
C ASN A 296 21.11 19.68 0.72
N ARG A 297 19.96 20.38 0.79
CA ARG A 297 19.07 20.38 1.96
C ARG A 297 17.60 20.58 1.58
N THR A 303 11.73 12.39 6.04
CA THR A 303 11.28 11.22 5.27
C THR A 303 10.04 11.51 4.41
N ALA A 304 9.17 12.41 4.87
CA ALA A 304 7.84 12.66 4.33
C ALA A 304 7.56 14.16 4.13
N LEU A 305 6.88 14.54 3.06
CA LEU A 305 6.67 15.95 2.69
C LEU A 305 5.83 16.75 3.70
N PHE A 306 4.82 16.13 4.31
CA PHE A 306 3.86 16.76 5.22
C PHE A 306 3.79 15.99 6.54
N LYS A 307 4.96 15.67 7.08
CA LYS A 307 5.21 14.80 8.23
C LYS A 307 4.33 15.16 9.43
N THR A 308 3.42 14.27 9.82
CA THR A 308 2.56 14.45 11.01
C THR A 308 3.22 13.88 12.28
N ARG A 309 2.73 14.30 13.44
CA ARG A 309 3.23 13.93 14.78
C ARG A 309 2.09 13.64 15.75
N PHE A 310 1.18 12.74 15.39
CA PHE A 310 0.08 12.27 16.26
C PHE A 310 0.54 11.14 17.20
N ARG A 311 -0.12 10.99 18.35
CA ARG A 311 0.12 9.89 19.31
C ARG A 311 -0.22 8.51 18.73
N LEU A 312 0.51 7.46 19.14
CA LEU A 312 0.22 6.07 18.76
C LEU A 312 -0.83 5.38 19.67
N ASP A 313 -1.11 5.93 20.86
CA ASP A 313 -2.05 5.36 21.83
C ASP A 313 -3.42 6.00 21.76
N PHE A 314 -4.44 5.22 21.37
CA PHE A 314 -5.83 5.64 21.20
C PHE A 314 -6.02 6.99 20.46
N PRO A 315 -5.49 7.16 19.23
CA PRO A 315 -5.61 8.40 18.47
C PRO A 315 -7.06 8.75 18.06
N PHE A 316 -7.96 7.76 17.99
CA PHE A 316 -9.39 7.92 17.80
C PHE A 316 -10.14 6.80 18.54
N ASP A 317 -11.39 7.06 18.95
CA ASP A 317 -12.28 6.09 19.61
C ASP A 317 -13.26 5.41 18.65
N LEU A 318 -13.80 4.26 19.04
CA LEU A 318 -14.83 3.55 18.27
C LEU A 318 -16.07 4.42 17.99
N GLN A 319 -16.47 5.28 18.92
CA GLN A 319 -17.64 6.16 18.79
C GLN A 319 -17.46 7.30 17.77
N GLU A 320 -16.24 7.52 17.25
CA GLU A 320 -15.97 8.53 16.22
C GLU A 320 -16.14 8.01 14.79
N LEU A 321 -16.20 6.70 14.55
CA LEU A 321 -16.33 6.13 13.19
C LEU A 321 -17.55 6.64 12.39
N PRO A 322 -18.73 6.93 12.97
CA PRO A 322 -19.82 7.63 12.27
C PRO A 322 -19.45 9.03 11.73
N ALA A 323 -18.61 9.82 12.41
CA ALA A 323 -18.16 11.13 11.91
C ALA A 323 -17.19 10.99 10.73
N PHE A 324 -16.25 10.03 10.76
CA PHE A 324 -15.40 9.72 9.62
C PHE A 324 -16.18 9.14 8.41
N ALA A 325 -17.30 8.44 8.64
CA ALA A 325 -18.17 7.97 7.56
C ALA A 325 -18.92 9.11 6.86
N VAL A 326 -19.45 10.08 7.60
CA VAL A 326 -20.06 11.31 7.05
C VAL A 326 -19.08 12.12 6.20
N ILE A 327 -17.79 12.19 6.56
CA ILE A 327 -16.74 12.77 5.71
C ILE A 327 -16.69 12.06 4.35
N GLY A 328 -16.72 10.73 4.31
CA GLY A 328 -16.70 9.97 3.05
C GLY A 328 -17.93 10.20 2.17
N ILE A 329 -19.14 10.11 2.72
CA ILE A 329 -20.38 10.36 2.00
C ILE A 329 -20.48 11.81 1.48
N ALA A 330 -20.15 12.81 2.30
CA ALA A 330 -20.10 14.21 1.87
C ALA A 330 -19.01 14.46 0.80
N SER A 331 -17.86 13.79 0.89
CA SER A 331 -16.81 13.88 -0.13
C SER A 331 -17.18 13.19 -1.42
N GLY A 332 -18.12 12.24 -1.40
CA GLY A 332 -18.67 11.60 -2.58
C GLY A 332 -19.50 12.56 -3.43
N PHE A 333 -20.43 13.30 -2.82
CA PHE A 333 -21.22 14.33 -3.49
C PHE A 333 -20.36 15.53 -3.93
N GLY A 334 -19.46 16.01 -3.08
CA GLY A 334 -18.52 17.09 -3.41
C GLY A 334 -17.53 16.75 -4.52
N GLY A 335 -17.04 15.51 -4.59
CA GLY A 335 -16.16 15.09 -5.68
C GLY A 335 -16.87 14.95 -7.02
N ALA A 336 -18.13 14.48 -7.03
CA ALA A 336 -18.97 14.48 -8.23
C ALA A 336 -19.33 15.91 -8.68
N LEU A 337 -19.64 16.82 -7.76
CA LEU A 337 -19.93 18.21 -8.09
C LEU A 337 -18.75 18.93 -8.76
N PHE A 338 -17.51 18.67 -8.33
CA PHE A 338 -16.32 19.26 -8.93
C PHE A 338 -16.13 18.86 -10.40
N VAL A 339 -16.33 17.59 -10.74
CA VAL A 339 -16.22 17.08 -12.12
C VAL A 339 -17.32 17.67 -13.02
N TYR A 340 -18.55 17.75 -12.53
CA TYR A 340 -19.67 18.39 -13.23
C TYR A 340 -19.43 19.88 -13.49
N LEU A 341 -19.04 20.66 -12.46
CA LEU A 341 -18.75 22.10 -12.60
C LEU A 341 -17.61 22.38 -13.58
N ASN A 342 -16.52 21.62 -13.55
CA ASN A 342 -15.43 21.73 -14.51
C ASN A 342 -15.89 21.53 -15.96
N ARG A 343 -16.76 20.55 -16.24
CA ARG A 343 -17.35 20.35 -17.57
C ARG A 343 -18.30 21.48 -17.95
N LYS A 344 -19.15 21.93 -17.02
CA LYS A 344 -20.14 22.97 -17.25
C LYS A 344 -19.51 24.31 -17.63
N ILE A 345 -18.39 24.69 -17.03
CA ILE A 345 -17.61 25.89 -17.41
C ILE A 345 -17.09 25.79 -18.85
N VAL A 346 -16.52 24.64 -19.26
CA VAL A 346 -16.03 24.42 -20.63
C VAL A 346 -17.16 24.44 -21.67
N GLN A 347 -18.30 23.84 -21.35
CA GLN A 347 -19.46 23.79 -22.24
C GLN A 347 -20.11 25.17 -22.41
N VAL A 348 -20.20 25.98 -21.36
CA VAL A 348 -20.71 27.36 -21.44
C VAL A 348 -19.85 28.22 -22.36
N MET A 349 -18.52 28.17 -22.23
CA MET A 349 -17.65 28.95 -23.12
C MET A 349 -17.73 28.49 -24.58
N ARG A 350 -17.77 27.19 -24.85
CA ARG A 350 -17.91 26.67 -26.23
C ARG A 350 -19.23 27.12 -26.88
N LYS A 351 -20.35 27.09 -26.15
CA LYS A 351 -21.67 27.49 -26.67
C LYS A 351 -21.86 29.00 -26.81
N GLN A 352 -21.22 29.82 -25.99
CA GLN A 352 -21.25 31.28 -26.05
C GLN A 352 -20.39 31.84 -27.21
N LYS A 353 -20.81 31.53 -28.44
CA LYS A 353 -20.08 31.75 -29.72
C LYS A 353 -19.63 33.20 -29.94
N THR A 354 -20.44 34.16 -29.49
CA THR A 354 -20.17 35.61 -29.51
C THR A 354 -18.93 36.02 -28.73
N ILE A 355 -18.69 35.40 -27.56
CA ILE A 355 -17.49 35.59 -26.73
C ILE A 355 -16.35 34.69 -27.22
N ASN A 356 -16.64 33.44 -27.57
CA ASN A 356 -15.64 32.45 -27.99
C ASN A 356 -14.83 32.91 -29.22
N ARG A 357 -15.47 33.52 -30.23
CA ARG A 357 -14.77 34.10 -31.40
C ARG A 357 -13.85 35.28 -31.05
N PHE A 358 -14.27 36.15 -30.13
CA PHE A 358 -13.49 37.33 -29.72
C PHE A 358 -12.24 36.92 -28.93
N LEU A 359 -12.40 36.05 -27.93
CA LEU A 359 -11.27 35.54 -27.15
C LEU A 359 -10.32 34.69 -28.01
N MET A 360 -10.78 33.98 -29.03
CA MET A 360 -9.89 33.23 -29.94
C MET A 360 -8.96 34.14 -30.78
N ARG A 361 -9.38 35.37 -31.13
CA ARG A 361 -8.48 36.37 -31.75
C ARG A 361 -7.46 36.97 -30.78
N LYS A 362 -7.68 36.81 -29.47
CA LYS A 362 -6.89 37.39 -28.36
C LYS A 362 -6.64 36.35 -27.25
N ARG A 363 -6.05 35.19 -27.56
CA ARG A 363 -6.03 34.01 -26.66
C ARG A 363 -5.48 34.27 -25.24
N LEU A 364 -4.53 35.18 -25.07
CA LEU A 364 -3.92 35.50 -23.77
C LEU A 364 -4.81 36.31 -22.83
N LEU A 365 -5.88 36.94 -23.33
CA LEU A 365 -6.80 37.72 -22.51
C LEU A 365 -7.53 36.85 -21.46
N PHE A 366 -7.91 35.63 -21.81
CA PHE A 366 -8.62 34.70 -20.91
C PHE A 366 -7.77 34.27 -19.68
N PRO A 367 -6.55 33.73 -19.82
CA PRO A 367 -5.74 33.40 -18.65
C PRO A 367 -5.36 34.63 -17.79
N ALA A 368 -5.10 35.79 -18.40
CA ALA A 368 -4.81 37.03 -17.66
C ALA A 368 -5.99 37.52 -16.82
N LEU A 369 -7.21 37.56 -17.36
CA LEU A 369 -8.39 38.02 -16.61
C LEU A 369 -8.82 37.03 -15.51
N VAL A 370 -8.66 35.72 -15.70
CA VAL A 370 -8.89 34.72 -14.63
C VAL A 370 -7.86 34.89 -13.50
N THR A 371 -6.59 35.10 -13.84
CA THR A 371 -5.52 35.30 -12.86
C THR A 371 -5.67 36.61 -12.08
N LEU A 372 -6.06 37.69 -12.75
CA LEU A 372 -6.37 38.98 -12.11
C LEU A 372 -7.57 38.86 -11.16
N LEU A 373 -8.64 38.18 -11.56
CA LEU A 373 -9.80 37.90 -10.70
C LEU A 373 -9.41 37.10 -9.44
N ILE A 374 -8.68 36.00 -9.60
CA ILE A 374 -8.30 35.14 -8.46
C ILE A 374 -7.35 35.90 -7.51
N SER A 375 -6.30 36.54 -8.04
CA SER A 375 -5.34 37.29 -7.22
C SER A 375 -5.97 38.46 -6.47
N THR A 376 -6.96 39.14 -7.05
CA THR A 376 -7.67 40.24 -6.40
C THR A 376 -8.44 39.76 -5.17
N LEU A 377 -9.04 38.57 -5.22
CA LEU A 377 -9.75 37.98 -4.07
C LEU A 377 -8.80 37.38 -3.03
N THR A 378 -7.60 36.88 -3.38
CA THR A 378 -6.66 36.34 -2.38
C THR A 378 -5.75 37.39 -1.72
N PHE A 379 -5.72 38.65 -2.18
CA PHE A 379 -4.95 39.77 -1.61
C PHE A 379 -5.20 39.94 -0.10
N PRO A 380 -4.19 39.78 0.78
CA PRO A 380 -4.43 39.67 2.22
C PRO A 380 -5.09 40.88 2.88
N PRO A 381 -4.66 42.15 2.68
CA PRO A 381 -5.30 43.32 3.30
C PRO A 381 -6.78 43.54 2.92
N GLY A 382 -7.24 42.96 1.82
CA GLY A 382 -8.64 42.96 1.39
C GLY A 382 -9.39 41.73 1.90
N PHE A 383 -9.99 40.98 0.97
CA PHE A 383 -10.75 39.75 1.25
C PHE A 383 -9.87 38.55 1.67
N GLY A 384 -8.59 38.50 1.31
CA GLY A 384 -7.71 37.36 1.59
C GLY A 384 -7.54 37.00 3.08
N GLN A 385 -7.73 37.96 3.99
CA GLN A 385 -7.82 37.73 5.45
C GLN A 385 -8.80 36.60 5.83
N PHE A 386 -9.95 36.54 5.17
CA PHE A 386 -11.06 35.65 5.50
C PHE A 386 -10.93 34.25 4.88
N MET A 387 -9.82 33.95 4.19
CA MET A 387 -9.51 32.64 3.61
C MET A 387 -8.02 32.28 3.68
N ALA A 388 -7.30 32.76 4.70
CA ALA A 388 -5.88 32.50 4.89
C ALA A 388 -4.99 32.78 3.65
N GLY A 389 -5.33 33.82 2.86
CA GLY A 389 -4.74 34.12 1.55
C GLY A 389 -3.23 34.43 1.57
N GLN A 390 -2.68 34.79 2.74
CA GLN A 390 -1.24 34.97 2.94
C GLN A 390 -0.41 33.68 3.02
N LEU A 391 -1.00 32.49 3.23
CA LEU A 391 -0.26 31.21 3.23
C LEU A 391 0.00 30.71 1.80
N SER A 392 1.16 30.09 1.54
CA SER A 392 1.36 29.29 0.33
C SER A 392 0.57 27.98 0.38
N GLN A 393 0.53 27.22 -0.73
CA GLN A 393 -0.18 25.94 -0.79
C GLN A 393 0.46 24.90 0.15
N LYS A 394 1.79 24.87 0.26
CA LYS A 394 2.52 24.02 1.21
C LYS A 394 2.27 24.43 2.65
N GLU A 395 2.36 25.72 2.99
CA GLU A 395 2.08 26.18 4.35
C GLU A 395 0.65 25.89 4.77
N THR A 396 -0.33 26.07 3.86
CA THR A 396 -1.73 25.75 4.13
C THR A 396 -1.88 24.30 4.60
N LEU A 397 -1.34 23.34 3.85
CA LEU A 397 -1.43 21.93 4.19
C LEU A 397 -0.68 21.56 5.48
N VAL A 398 0.49 22.15 5.73
CA VAL A 398 1.20 22.02 7.02
C VAL A 398 0.39 22.57 8.18
N THR A 399 -0.35 23.68 8.04
CA THR A 399 -1.21 24.16 9.13
C THR A 399 -2.42 23.25 9.39
N LEU A 400 -3.10 22.74 8.35
CA LEU A 400 -4.25 21.84 8.50
C LEU A 400 -3.89 20.49 9.17
N PHE A 401 -2.75 19.89 8.85
CA PHE A 401 -2.27 18.63 9.40
C PHE A 401 -1.52 18.71 10.76
N ASP A 402 -1.51 19.84 11.50
CA ASP A 402 -0.75 19.93 12.77
C ASP A 402 -1.38 19.21 13.99
N ASN A 403 -0.56 18.88 14.99
CA ASN A 403 -0.99 18.11 16.17
C ASN A 403 -1.66 18.94 17.29
N ARG A 404 -2.28 20.07 16.97
CA ARG A 404 -2.90 21.01 17.92
C ARG A 404 -4.39 21.21 17.64
N THR A 405 -5.16 21.55 18.67
CA THR A 405 -6.60 21.87 18.54
C THR A 405 -6.75 23.38 18.50
N TRP A 406 -7.37 23.95 17.47
CA TRP A 406 -7.47 25.41 17.36
C TRP A 406 -8.55 26.00 18.28
N VAL A 407 -9.71 25.35 18.47
CA VAL A 407 -10.79 25.86 19.34
C VAL A 407 -10.44 25.91 20.83
N ARG A 408 -9.39 25.20 21.27
CA ARG A 408 -8.95 25.08 22.67
C ARG A 408 -7.41 25.03 22.75
N SER A 419 2.29 30.10 12.48
CA SER A 419 1.20 30.31 11.51
C SER A 419 -0.02 29.40 11.75
N THR A 420 0.13 28.26 12.44
CA THR A 420 -0.81 27.14 12.28
C THR A 420 -2.24 27.45 12.72
N SER A 421 -2.46 28.16 13.82
CA SER A 421 -3.78 28.72 14.15
C SER A 421 -3.95 30.15 13.59
N GLN A 422 -2.87 30.95 13.59
CA GLN A 422 -2.93 32.41 13.44
C GLN A 422 -3.54 32.89 12.11
N ALA A 423 -3.15 32.33 10.97
CA ALA A 423 -3.70 32.73 9.68
C ALA A 423 -5.18 32.36 9.49
N TRP A 424 -5.65 31.32 10.20
CA TRP A 424 -7.04 30.89 10.23
C TRP A 424 -7.88 31.63 11.28
N ASN A 425 -7.24 32.36 12.19
CA ASN A 425 -7.87 33.13 13.26
C ASN A 425 -7.57 34.65 13.13
N PRO A 426 -8.01 35.33 12.05
CA PRO A 426 -7.92 36.79 11.93
C PRO A 426 -8.81 37.49 12.96
N PRO A 427 -8.50 38.74 13.36
CA PRO A 427 -9.18 39.40 14.48
C PRO A 427 -10.67 39.70 14.26
N ARG A 428 -11.12 39.72 13.01
CA ARG A 428 -12.48 40.08 12.58
C ARG A 428 -13.45 38.89 12.50
N ALA A 429 -12.97 37.65 12.64
CA ALA A 429 -13.72 36.41 12.43
C ALA A 429 -13.30 35.29 13.42
N ASN A 430 -13.55 34.03 13.07
CA ASN A 430 -13.11 32.84 13.81
C ASN A 430 -12.66 31.71 12.86
N VAL A 431 -12.13 30.60 13.39
CA VAL A 431 -11.62 29.48 12.57
C VAL A 431 -12.69 28.72 11.79
N PHE A 432 -13.92 28.60 12.30
CA PHE A 432 -15.01 27.91 11.59
C PHE A 432 -15.41 28.68 10.34
N LEU A 433 -15.69 29.98 10.49
CA LEU A 433 -16.07 30.84 9.37
C LEU A 433 -14.96 30.92 8.31
N THR A 434 -13.71 31.00 8.73
CA THR A 434 -12.54 31.02 7.82
C THR A 434 -12.33 29.68 7.09
N LEU A 435 -12.62 28.53 7.70
CA LEU A 435 -12.61 27.24 7.01
C LEU A 435 -13.74 27.14 5.98
N VAL A 436 -14.96 27.57 6.30
CA VAL A 436 -16.09 27.56 5.37
C VAL A 436 -15.86 28.47 4.17
N ILE A 437 -15.37 29.70 4.37
CA ILE A 437 -15.06 30.62 3.27
C ILE A 437 -13.90 30.07 2.43
N PHE A 438 -12.85 29.50 3.03
CA PHE A 438 -11.78 28.85 2.28
C PHE A 438 -12.32 27.74 1.38
N ILE A 439 -13.16 26.83 1.92
CA ILE A 439 -13.71 25.70 1.17
C ILE A 439 -14.54 26.19 -0.02
N LEU A 440 -15.48 27.11 0.18
CA LEU A 440 -16.36 27.58 -0.88
C LEU A 440 -15.65 28.42 -1.95
N MET A 441 -14.69 29.28 -1.58
CA MET A 441 -13.89 30.04 -2.54
C MET A 441 -12.91 29.15 -3.31
N LYS A 442 -12.15 28.29 -2.64
CA LYS A 442 -11.19 27.40 -3.31
C LYS A 442 -11.88 26.40 -4.24
N PHE A 443 -13.12 26.01 -3.96
CA PHE A 443 -13.89 25.10 -4.82
C PHE A 443 -14.09 25.66 -6.24
N TRP A 444 -14.74 26.82 -6.39
CA TRP A 444 -14.91 27.42 -7.72
C TRP A 444 -13.59 27.92 -8.33
N MET A 445 -12.67 28.46 -7.52
CA MET A 445 -11.38 28.93 -8.04
C MET A 445 -10.55 27.81 -8.66
N SER A 446 -10.51 26.61 -8.06
CA SER A 446 -9.79 25.47 -8.61
C SER A 446 -10.47 24.85 -9.82
N ALA A 447 -11.82 24.82 -9.86
CA ALA A 447 -12.58 24.34 -11.01
C ALA A 447 -12.37 25.25 -12.23
N LEU A 448 -12.34 26.57 -12.05
CA LEU A 448 -12.05 27.56 -13.08
C LEU A 448 -10.57 27.53 -13.51
N ALA A 449 -9.62 27.61 -12.58
CA ALA A 449 -8.19 27.70 -12.87
C ALA A 449 -7.63 26.49 -13.64
N THR A 450 -8.16 25.29 -13.43
CA THR A 450 -7.68 24.09 -14.17
C THR A 450 -8.15 24.02 -15.63
N THR A 451 -8.98 24.95 -16.13
CA THR A 451 -9.36 25.05 -17.55
C THR A 451 -8.47 25.95 -18.41
N ILE A 452 -7.57 26.77 -17.83
CA ILE A 452 -6.85 27.80 -18.58
C ILE A 452 -5.68 27.22 -19.43
N PRO A 453 -5.24 27.88 -20.52
CA PRO A 453 -4.21 27.40 -21.47
C PRO A 453 -2.78 27.17 -20.96
N VAL A 454 -2.57 26.58 -19.79
CA VAL A 454 -1.24 26.30 -19.19
C VAL A 454 -1.10 24.80 -18.87
N PRO A 455 0.13 24.24 -18.85
CA PRO A 455 0.37 22.93 -18.22
C PRO A 455 -0.07 22.95 -16.75
N CYS A 456 -1.01 22.10 -16.34
CA CYS A 456 -1.45 22.02 -14.94
C CYS A 456 -2.21 20.72 -14.61
N GLY A 457 -2.13 20.30 -13.36
CA GLY A 457 -2.91 19.19 -12.80
C GLY A 457 -3.97 19.67 -11.81
N ALA A 458 -4.61 18.76 -11.09
CA ALA A 458 -5.72 19.06 -10.19
C ALA A 458 -5.68 18.35 -8.82
N PHE A 459 -4.74 17.43 -8.55
CA PHE A 459 -4.75 16.65 -7.30
C PHE A 459 -4.52 17.48 -6.03
N MET A 460 -3.39 18.20 -5.87
CA MET A 460 -3.18 19.03 -4.67
C MET A 460 -4.24 20.11 -4.43
N PRO A 461 -4.80 20.79 -5.45
CA PRO A 461 -5.97 21.64 -5.27
C PRO A 461 -7.16 20.94 -4.59
N VAL A 462 -7.58 19.73 -4.99
CA VAL A 462 -8.71 19.04 -4.34
C VAL A 462 -8.31 18.38 -3.01
N PHE A 463 -7.08 17.90 -2.88
CA PHE A 463 -6.53 17.38 -1.62
C PHE A 463 -6.53 18.44 -0.50
N VAL A 464 -6.14 19.68 -0.81
CA VAL A 464 -6.20 20.83 0.11
C VAL A 464 -7.63 21.25 0.48
N ILE A 465 -8.61 21.18 -0.43
CA ILE A 465 -10.03 21.44 -0.11
C ILE A 465 -10.58 20.37 0.83
N GLY A 466 -10.23 19.10 0.60
CA GLY A 466 -10.61 17.99 1.47
C GLY A 466 -10.00 18.09 2.86
N ALA A 467 -8.73 18.45 2.96
CA ALA A 467 -8.05 18.71 4.23
C ALA A 467 -8.73 19.80 5.07
N ALA A 468 -9.22 20.88 4.46
CA ALA A 468 -9.97 21.91 5.18
C ALA A 468 -11.36 21.42 5.61
N PHE A 469 -12.06 20.68 4.74
CA PHE A 469 -13.35 20.10 5.09
C PHE A 469 -13.24 19.07 6.23
N GLY A 470 -12.19 18.26 6.23
CA GLY A 470 -11.84 17.39 7.36
C GLY A 470 -11.53 18.15 8.64
N ARG A 471 -10.72 19.23 8.61
CA ARG A 471 -10.50 20.11 9.77
C ARG A 471 -11.78 20.69 10.34
N LEU A 472 -12.74 21.06 9.51
CA LEU A 472 -14.00 21.61 9.97
C LEU A 472 -14.79 20.59 10.81
N VAL A 473 -14.81 19.33 10.40
CA VAL A 473 -15.45 18.24 11.16
C VAL A 473 -14.66 17.92 12.44
N GLY A 474 -13.34 17.83 12.38
CA GLY A 474 -12.47 17.62 13.55
C GLY A 474 -12.57 18.71 14.61
N GLU A 475 -12.52 20.00 14.24
CA GLU A 475 -12.71 21.11 15.18
C GLU A 475 -14.14 21.18 15.72
N SER A 476 -15.16 20.79 14.95
CA SER A 476 -16.54 20.69 15.45
C SER A 476 -16.69 19.54 16.47
N MET A 477 -16.09 18.38 16.23
CA MET A 477 -16.09 17.28 17.21
C MET A 477 -15.35 17.68 18.50
N ALA A 478 -14.17 18.30 18.38
CA ALA A 478 -13.40 18.78 19.51
C ALA A 478 -14.08 19.91 20.30
N ALA A 479 -14.90 20.74 19.65
CA ALA A 479 -15.72 21.75 20.32
C ALA A 479 -16.94 21.15 21.03
N TRP A 480 -17.55 20.10 20.49
CA TRP A 480 -18.72 19.44 21.10
C TRP A 480 -18.35 18.52 22.27
N PHE A 481 -17.22 17.81 22.18
CA PHE A 481 -16.73 16.87 23.19
C PHE A 481 -15.38 17.35 23.80
N PRO A 482 -15.38 18.41 24.62
CA PRO A 482 -14.15 19.10 25.02
C PRO A 482 -13.22 18.29 25.94
N ASP A 483 -13.77 17.41 26.77
CA ASP A 483 -13.02 16.51 27.65
C ASP A 483 -12.75 15.12 27.03
N GLY A 484 -13.00 14.96 25.73
CA GLY A 484 -12.99 13.68 25.02
C GLY A 484 -14.38 13.04 24.94
N ILE A 485 -14.53 12.06 24.04
CA ILE A 485 -15.83 11.47 23.68
C ILE A 485 -16.27 10.37 24.68
N HIS A 486 -15.33 9.57 25.15
CA HIS A 486 -15.51 8.56 26.22
C HIS A 486 -15.55 9.17 27.63
N THR A 487 -16.25 8.50 28.55
CA THR A 487 -16.49 8.96 29.92
C THR A 487 -15.19 9.07 30.74
N THR A 491 -9.41 8.95 29.25
CA THR A 491 -9.77 10.36 29.02
C THR A 491 -8.80 11.05 28.03
N TYR A 492 -8.40 10.31 27.00
CA TYR A 492 -7.73 10.85 25.81
C TYR A 492 -8.67 11.82 25.06
N ARG A 493 -8.13 12.90 24.47
CA ARG A 493 -8.91 13.90 23.71
C ARG A 493 -8.83 13.69 22.19
N ILE A 494 -9.78 14.31 21.47
CA ILE A 494 -9.89 14.31 20.00
C ILE A 494 -8.66 14.97 19.35
N VAL A 495 -8.25 14.48 18.18
CA VAL A 495 -7.10 14.98 17.41
C VAL A 495 -7.56 15.56 16.06
N PRO A 496 -7.95 16.86 15.96
CA PRO A 496 -8.53 17.44 14.75
C PRO A 496 -7.73 17.28 13.46
N GLY A 497 -6.39 17.28 13.55
CA GLY A 497 -5.51 17.03 12.41
C GLY A 497 -5.62 15.64 11.80
N GLY A 498 -6.13 14.64 12.53
CA GLY A 498 -6.42 13.30 12.01
C GLY A 498 -7.67 13.24 11.12
N TYR A 499 -8.69 14.06 11.39
CA TYR A 499 -9.85 14.25 10.51
C TYR A 499 -9.49 14.97 9.21
N ALA A 500 -8.54 15.90 9.26
CA ALA A 500 -7.99 16.55 8.07
C ALA A 500 -7.30 15.56 7.12
N VAL A 501 -6.51 14.61 7.63
CA VAL A 501 -5.89 13.53 6.84
C VAL A 501 -6.94 12.64 6.17
N VAL A 502 -8.04 12.31 6.86
CA VAL A 502 -9.15 11.51 6.28
C VAL A 502 -9.86 12.27 5.16
N GLY A 503 -10.28 13.52 5.39
CA GLY A 503 -10.93 14.35 4.38
C GLY A 503 -10.11 14.64 3.13
N ALA A 504 -8.79 14.81 3.25
CA ALA A 504 -7.88 14.99 2.14
C ALA A 504 -7.82 13.77 1.21
N ALA A 505 -7.75 12.56 1.77
CA ALA A 505 -7.74 11.32 1.01
C ALA A 505 -9.10 11.02 0.35
N ALA A 506 -10.22 11.29 1.04
CA ALA A 506 -11.57 10.99 0.57
C ALA A 506 -12.03 11.87 -0.61
N LEU A 507 -11.82 13.19 -0.58
CA LEU A 507 -12.20 14.07 -1.69
C LEU A 507 -11.34 13.85 -2.94
N ALA A 508 -10.04 13.65 -2.78
CA ALA A 508 -9.16 13.31 -3.89
C ALA A 508 -9.48 11.92 -4.50
N GLY A 509 -9.98 10.97 -3.71
CA GLY A 509 -10.48 9.68 -4.18
C GLY A 509 -11.78 9.79 -4.99
N ALA A 510 -12.75 10.60 -4.54
CA ALA A 510 -14.00 10.86 -5.25
C ALA A 510 -13.86 11.65 -6.57
N VAL A 511 -12.87 12.53 -6.73
CA VAL A 511 -12.61 13.26 -7.99
C VAL A 511 -11.92 12.36 -9.01
N THR A 512 -11.00 11.51 -8.57
CA THR A 512 -10.19 10.66 -9.46
C THR A 512 -10.73 9.24 -9.66
N HIS A 513 -11.79 8.83 -8.96
CA HIS A 513 -12.27 7.43 -8.84
C HIS A 513 -11.13 6.46 -8.49
N THR A 514 -10.45 6.70 -7.38
CA THR A 514 -9.35 5.84 -6.92
C THR A 514 -9.49 5.49 -5.43
N VAL A 515 -8.97 4.34 -5.02
CA VAL A 515 -8.85 3.96 -3.59
C VAL A 515 -7.43 4.12 -3.07
N SER A 516 -6.43 4.19 -3.95
CA SER A 516 -5.02 4.31 -3.59
C SER A 516 -4.61 5.65 -2.99
N THR A 517 -5.48 6.65 -2.94
CA THR A 517 -5.25 7.86 -2.14
C THR A 517 -5.08 7.58 -0.64
N ALA A 518 -5.59 6.44 -0.13
CA ALA A 518 -5.26 5.94 1.20
C ALA A 518 -3.75 5.67 1.38
N VAL A 519 -3.12 4.91 0.48
CA VAL A 519 -1.68 4.62 0.54
C VAL A 519 -0.83 5.88 0.36
N ILE A 520 -1.21 6.77 -0.57
CA ILE A 520 -0.59 8.10 -0.74
C ILE A 520 -0.60 8.90 0.57
N VAL A 521 -1.72 8.96 1.29
CA VAL A 521 -1.80 9.74 2.54
C VAL A 521 -0.90 9.22 3.66
N PHE A 522 -0.66 7.91 3.75
CA PHE A 522 0.31 7.35 4.71
C PHE A 522 1.76 7.70 4.36
N GLU A 523 2.13 7.66 3.09
CA GLU A 523 3.49 8.02 2.66
C GLU A 523 3.77 9.53 2.70
N LEU A 524 2.79 10.41 2.46
CA LEU A 524 2.95 11.86 2.62
C LEU A 524 3.11 12.31 4.08
N THR A 525 2.48 11.61 5.02
CA THR A 525 2.47 11.98 6.45
C THR A 525 3.46 11.19 7.31
N GLY A 526 3.92 10.04 6.82
CA GLY A 526 4.83 9.15 7.53
C GLY A 526 4.23 8.45 8.74
N GLN A 527 2.90 8.35 8.83
CA GLN A 527 2.17 7.59 9.86
C GLN A 527 1.04 6.77 9.21
N ILE A 528 0.65 5.67 9.85
CA ILE A 528 -0.39 4.74 9.39
C ILE A 528 -1.42 4.44 10.50
N ALA A 529 -1.46 5.26 11.55
CA ALA A 529 -2.33 5.10 12.72
C ALA A 529 -3.84 5.30 12.44
N HIS A 530 -4.21 6.04 11.39
CA HIS A 530 -5.61 6.33 11.00
C HIS A 530 -6.15 5.44 9.88
N ILE A 531 -5.52 4.30 9.57
CA ILE A 531 -5.84 3.45 8.42
C ILE A 531 -7.32 3.01 8.32
N LEU A 532 -7.98 2.60 9.41
CA LEU A 532 -9.38 2.23 9.37
C LEU A 532 -10.32 3.43 9.04
N PRO A 533 -10.26 4.59 9.73
CA PRO A 533 -10.96 5.81 9.31
C PRO A 533 -10.76 6.23 7.86
N VAL A 534 -9.51 6.21 7.35
CA VAL A 534 -9.20 6.55 5.96
C VAL A 534 -9.90 5.60 4.99
N MET A 535 -9.79 4.28 5.18
CA MET A 535 -10.45 3.31 4.30
C MET A 535 -11.98 3.36 4.33
N ILE A 536 -12.61 3.60 5.48
CA ILE A 536 -14.07 3.80 5.55
C ILE A 536 -14.49 5.01 4.70
N ALA A 537 -13.84 6.16 4.89
CA ALA A 537 -14.16 7.37 4.16
C ALA A 537 -13.91 7.25 2.65
N VAL A 538 -12.81 6.65 2.24
CA VAL A 538 -12.43 6.48 0.83
C VAL A 538 -13.37 5.53 0.06
N ILE A 539 -13.81 4.43 0.67
CA ILE A 539 -14.80 3.51 0.08
C ILE A 539 -16.17 4.16 -0.03
N LEU A 540 -16.64 4.87 1.00
CA LEU A 540 -17.91 5.60 0.95
C LEU A 540 -17.91 6.73 -0.09
N ALA A 541 -16.82 7.48 -0.22
CA ALA A 541 -16.68 8.54 -1.21
C ALA A 541 -16.71 7.99 -2.65
N ASN A 542 -16.03 6.89 -2.94
CA ASN A 542 -16.04 6.22 -4.24
C ASN A 542 -17.41 5.66 -4.64
N ALA A 543 -18.12 4.96 -3.75
CA ALA A 543 -19.43 4.40 -4.03
C ALA A 543 -20.49 5.48 -4.36
N VAL A 544 -20.46 6.61 -3.65
CA VAL A 544 -21.32 7.76 -3.95
C VAL A 544 -20.91 8.46 -5.26
N ALA A 545 -19.63 8.77 -5.47
CA ALA A 545 -19.20 9.48 -6.68
C ALA A 545 -19.44 8.69 -7.98
N GLN A 546 -19.08 7.40 -8.01
CA GLN A 546 -19.29 6.55 -9.20
C GLN A 546 -20.77 6.35 -9.58
N SER A 547 -21.70 6.58 -8.67
CA SER A 547 -23.14 6.55 -8.96
C SER A 547 -23.65 7.82 -9.68
N LEU A 548 -22.88 8.91 -9.69
CA LEU A 548 -23.31 10.24 -10.11
C LEU A 548 -22.57 10.78 -11.35
N GLN A 549 -21.26 10.54 -11.48
CA GLN A 549 -20.39 11.15 -12.49
C GLN A 549 -19.25 10.21 -12.91
N PRO A 550 -18.65 10.40 -14.09
CA PRO A 550 -17.38 9.79 -14.44
C PRO A 550 -16.23 10.38 -13.61
N SER A 551 -15.03 9.81 -13.69
CA SER A 551 -13.85 10.47 -13.11
C SER A 551 -13.54 11.79 -13.83
N LEU A 552 -12.78 12.69 -13.19
CA LEU A 552 -12.24 13.88 -13.85
C LEU A 552 -11.51 13.54 -15.15
N TYR A 553 -10.67 12.51 -15.15
CA TYR A 553 -9.89 12.13 -16.33
C TYR A 553 -10.74 11.55 -17.47
N ASP A 554 -11.77 10.77 -17.16
CA ASP A 554 -12.74 10.31 -18.16
C ASP A 554 -13.59 11.45 -18.72
N SER A 555 -13.96 12.41 -17.89
CA SER A 555 -14.69 13.61 -18.30
C SER A 555 -13.88 14.45 -19.30
N ILE A 556 -12.57 14.57 -19.14
CA ILE A 556 -11.69 15.29 -20.05
C ILE A 556 -11.51 14.53 -21.38
N ILE A 557 -11.46 13.19 -21.38
CA ILE A 557 -11.46 12.36 -22.61
C ILE A 557 -12.67 12.68 -23.49
N ARG A 558 -13.86 12.76 -22.90
CA ARG A 558 -15.11 13.15 -23.57
C ARG A 558 -15.11 14.59 -24.06
N ILE A 559 -14.62 15.56 -23.28
CA ILE A 559 -14.47 16.97 -23.69
C ILE A 559 -13.54 17.13 -24.89
N LYS A 560 -12.41 16.41 -24.93
CA LYS A 560 -11.38 16.49 -25.98
C LYS A 560 -11.67 15.61 -27.21
N LYS A 561 -12.82 14.92 -27.25
CA LYS A 561 -13.24 14.01 -28.32
C LYS A 561 -12.26 12.86 -28.59
N LEU A 562 -11.60 12.34 -27.56
CA LEU A 562 -10.69 11.19 -27.67
C LEU A 562 -11.44 9.84 -27.60
N PRO A 563 -10.91 8.74 -28.17
CA PRO A 563 -11.49 7.40 -28.09
C PRO A 563 -11.76 6.92 -26.65
N TYR A 564 -13.01 6.53 -26.39
CA TYR A 564 -13.57 6.33 -25.05
C TYR A 564 -14.21 4.94 -24.89
N LEU A 565 -14.09 4.35 -23.70
CA LEU A 565 -14.71 3.08 -23.31
C LEU A 565 -15.10 3.17 -21.82
N PRO A 566 -16.39 3.20 -21.45
CA PRO A 566 -16.84 3.44 -20.08
C PRO A 566 -16.60 2.21 -19.20
N ALA B 14 -12.85 -32.02 -16.08
CA ALA B 14 -12.65 -31.79 -14.63
C ALA B 14 -11.57 -32.72 -14.08
N LEU B 15 -10.95 -32.35 -12.95
CA LEU B 15 -9.89 -33.12 -12.27
C LEU B 15 -10.35 -33.64 -10.91
N GLN B 16 -9.87 -34.82 -10.50
CA GLN B 16 -10.16 -35.42 -9.19
C GLN B 16 -8.89 -35.84 -8.43
N TYR B 17 -8.95 -35.74 -7.10
CA TYR B 17 -7.80 -35.89 -6.20
C TYR B 17 -7.35 -37.35 -6.03
N GLU B 18 -6.03 -37.56 -5.99
CA GLU B 18 -5.38 -38.83 -5.66
C GLU B 18 -4.46 -38.65 -4.45
N GLN B 19 -4.61 -39.50 -3.44
CA GLN B 19 -3.78 -39.47 -2.23
C GLN B 19 -2.38 -40.05 -2.46
N THR B 20 -1.37 -39.38 -1.92
CA THR B 20 -0.02 -39.91 -1.63
C THR B 20 0.42 -39.39 -0.25
N LEU B 21 1.61 -39.75 0.24
CA LEU B 21 1.99 -39.52 1.65
C LEU B 21 2.03 -38.04 2.07
N MET B 22 2.36 -37.14 1.14
CA MET B 22 2.50 -35.69 1.38
C MET B 22 1.35 -34.90 0.73
N TYR B 23 1.58 -34.26 -0.43
CA TYR B 23 0.59 -33.40 -1.10
C TYR B 23 -0.50 -34.14 -1.90
N GLY B 24 -0.26 -35.36 -2.37
CA GLY B 24 -1.11 -36.02 -3.38
C GLY B 24 -0.96 -35.45 -4.80
N ARG B 25 -1.91 -35.78 -5.68
CA ARG B 25 -1.97 -35.38 -7.10
C ARG B 25 -3.40 -35.07 -7.54
N TYR B 26 -3.55 -34.46 -8.71
CA TYR B 26 -4.81 -34.40 -9.45
C TYR B 26 -4.76 -35.20 -10.76
N THR B 27 -5.88 -35.82 -11.11
CA THR B 27 -6.02 -36.86 -12.15
C THR B 27 -7.28 -36.65 -12.99
N GLN B 28 -7.37 -37.31 -14.15
CA GLN B 28 -8.49 -37.20 -15.11
C GLN B 28 -8.68 -35.78 -15.65
N GLY B 88 -28.39 -2.77 -4.53
CA GLY B 88 -27.92 -3.79 -5.47
C GLY B 88 -27.37 -5.04 -4.77
N GLU B 89 -27.42 -6.18 -5.46
CA GLU B 89 -27.04 -7.48 -4.90
C GLU B 89 -25.53 -7.63 -4.62
N ASP B 90 -24.66 -6.94 -5.37
CA ASP B 90 -23.20 -7.07 -5.22
C ASP B 90 -22.67 -6.42 -3.92
N TRP B 91 -23.29 -5.33 -3.47
CA TRP B 91 -23.01 -4.76 -2.15
C TRP B 91 -23.40 -5.70 -1.02
N ILE B 92 -24.55 -6.37 -1.14
CA ILE B 92 -25.03 -7.35 -0.15
C ILE B 92 -24.06 -8.54 -0.09
N PHE B 93 -23.65 -9.08 -1.22
CA PHE B 93 -22.70 -10.19 -1.26
C PHE B 93 -21.38 -9.85 -0.58
N LEU B 94 -20.78 -8.68 -0.88
CA LEU B 94 -19.49 -8.29 -0.30
C LEU B 94 -19.56 -7.93 1.19
N VAL B 95 -20.66 -7.34 1.69
CA VAL B 95 -20.85 -7.11 3.13
C VAL B 95 -21.03 -8.43 3.89
N LEU B 96 -21.83 -9.37 3.39
CA LEU B 96 -22.02 -10.67 4.04
C LEU B 96 -20.78 -11.57 3.97
N LEU B 97 -19.99 -11.51 2.89
CA LEU B 97 -18.69 -12.18 2.81
C LEU B 97 -17.72 -11.65 3.88
N GLY B 98 -17.64 -10.33 4.05
CA GLY B 98 -16.79 -9.68 5.04
C GLY B 98 -17.19 -10.00 6.48
N LEU B 99 -18.50 -10.06 6.77
CA LEU B 99 -19.06 -10.46 8.06
C LEU B 99 -18.75 -11.93 8.42
N LEU B 100 -18.98 -12.88 7.51
CA LEU B 100 -18.73 -14.29 7.78
C LEU B 100 -17.27 -14.60 8.03
N MET B 101 -16.36 -14.14 7.16
CA MET B 101 -14.95 -14.50 7.31
C MET B 101 -14.30 -13.86 8.55
N ALA B 102 -14.77 -12.68 9.01
CA ALA B 102 -14.34 -12.14 10.29
C ALA B 102 -14.82 -12.96 11.50
N LEU B 103 -16.08 -13.40 11.53
CA LEU B 103 -16.60 -14.28 12.60
C LEU B 103 -15.89 -15.65 12.63
N VAL B 104 -15.71 -16.29 11.48
CA VAL B 104 -14.99 -17.58 11.36
C VAL B 104 -13.53 -17.44 11.77
N SER B 105 -12.84 -16.38 11.34
CA SER B 105 -11.45 -16.08 11.72
C SER B 105 -11.28 -15.85 13.23
N TRP B 106 -12.18 -15.10 13.87
CA TRP B 106 -12.18 -14.86 15.31
C TRP B 106 -12.39 -16.14 16.12
N VAL B 107 -13.33 -17.02 15.72
CA VAL B 107 -13.56 -18.31 16.37
C VAL B 107 -12.35 -19.24 16.26
N MET B 108 -11.68 -19.32 15.10
CA MET B 108 -10.46 -20.13 14.97
C MET B 108 -9.34 -19.63 15.87
N ASP B 109 -9.06 -18.33 15.91
CA ASP B 109 -8.00 -17.77 16.76
C ASP B 109 -8.24 -17.99 18.26
N TYR B 110 -9.48 -17.93 18.72
CA TYR B 110 -9.85 -18.24 20.11
C TYR B 110 -9.53 -19.69 20.49
N ALA B 111 -9.83 -20.65 19.61
CA ALA B 111 -9.59 -22.07 19.83
C ALA B 111 -8.09 -22.46 19.74
N ILE B 112 -7.31 -21.82 18.87
CA ILE B 112 -5.84 -22.00 18.81
C ILE B 112 -5.18 -21.48 20.09
N ALA B 113 -5.57 -20.29 20.58
CA ALA B 113 -5.06 -19.75 21.84
C ALA B 113 -5.39 -20.67 23.03
N ALA B 114 -6.60 -21.22 23.11
CA ALA B 114 -6.96 -22.20 24.13
C ALA B 114 -6.11 -23.48 24.07
N CYS B 115 -5.81 -24.01 22.89
CA CYS B 115 -4.90 -25.16 22.75
C CYS B 115 -3.46 -24.86 23.21
N LEU B 116 -2.90 -23.70 22.89
CA LEU B 116 -1.54 -23.32 23.32
C LEU B 116 -1.46 -23.02 24.82
N GLN B 117 -2.50 -22.46 25.42
CA GLN B 117 -2.61 -22.30 26.87
C GLN B 117 -2.70 -23.65 27.61
N ALA B 118 -3.35 -24.68 27.03
CA ALA B 118 -3.42 -26.01 27.64
C ALA B 118 -2.05 -26.71 27.70
N GLN B 119 -1.19 -26.56 26.69
CA GLN B 119 0.20 -27.05 26.72
C GLN B 119 0.99 -26.40 27.87
N GLN B 120 0.86 -25.07 28.04
CA GLN B 120 1.46 -24.36 29.16
C GLN B 120 0.91 -24.85 30.50
N TRP B 121 -0.40 -25.02 30.65
CA TRP B 121 -1.03 -25.48 31.89
C TRP B 121 -0.54 -26.88 32.33
N MET B 122 -0.58 -27.88 31.45
CA MET B 122 -0.14 -29.24 31.82
C MET B 122 1.36 -29.33 32.05
N SER B 123 2.16 -28.47 31.40
CA SER B 123 3.61 -28.37 31.67
C SER B 123 3.88 -27.69 33.02
N ARG B 124 3.28 -26.52 33.28
CA ARG B 124 3.42 -25.73 34.52
C ARG B 124 2.89 -26.45 35.77
N GLY B 125 1.94 -27.37 35.60
CA GLY B 125 1.31 -28.13 36.67
C GLY B 125 2.19 -29.17 37.36
N LEU B 126 3.41 -29.47 36.86
CA LEU B 126 4.26 -30.53 37.41
C LEU B 126 5.77 -30.21 37.38
N ASN B 127 6.49 -30.73 38.37
CA ASN B 127 7.93 -30.51 38.58
C ASN B 127 8.69 -31.77 39.07
N THR B 128 8.01 -32.92 39.16
CA THR B 128 8.52 -34.12 39.85
C THR B 128 9.74 -34.75 39.16
N SER B 129 9.80 -34.69 37.82
CA SER B 129 10.98 -35.14 37.05
C SER B 129 11.08 -34.43 35.69
N ILE B 130 12.30 -34.28 35.18
CA ILE B 130 12.56 -33.84 33.79
C ILE B 130 11.99 -34.86 32.79
N LEU B 131 11.93 -36.15 33.16
CA LEU B 131 11.29 -37.20 32.35
C LEU B 131 9.79 -36.96 32.15
N LEU B 132 9.06 -36.58 33.21
CA LEU B 132 7.62 -36.32 33.10
C LEU B 132 7.34 -35.02 32.34
N GLN B 133 8.20 -34.00 32.50
CA GLN B 133 8.15 -32.79 31.69
C GLN B 133 8.45 -33.07 30.21
N TYR B 134 9.40 -33.94 29.89
CA TYR B 134 9.67 -34.38 28.52
C TYR B 134 8.48 -35.14 27.90
N LEU B 135 7.93 -36.14 28.58
CA LEU B 135 6.79 -36.90 28.07
C LEU B 135 5.56 -36.01 27.86
N ALA B 136 5.28 -35.05 28.74
CA ALA B 136 4.22 -34.06 28.55
C ALA B 136 4.49 -33.14 27.36
N TRP B 137 5.73 -32.66 27.20
CA TRP B 137 6.15 -31.79 26.09
C TRP B 137 6.01 -32.45 24.72
N VAL B 138 6.40 -33.74 24.55
CA VAL B 138 6.27 -34.43 23.26
C VAL B 138 4.91 -35.08 23.00
N THR B 139 4.16 -35.53 24.02
CA THR B 139 2.89 -36.26 23.79
C THR B 139 1.80 -35.35 23.24
N TYR B 140 1.61 -34.17 23.83
CA TYR B 140 0.55 -33.24 23.43
C TYR B 140 0.56 -32.84 21.94
N PRO B 141 1.69 -32.43 21.33
CA PRO B 141 1.70 -32.11 19.90
C PRO B 141 1.51 -33.34 19.00
N VAL B 142 2.07 -34.51 19.36
CA VAL B 142 1.91 -35.76 18.59
C VAL B 142 0.44 -36.20 18.54
N VAL B 143 -0.30 -36.09 19.66
CA VAL B 143 -1.74 -36.36 19.72
C VAL B 143 -2.54 -35.38 18.86
N LEU B 144 -2.30 -34.06 18.95
CA LEU B 144 -3.02 -33.08 18.12
C LEU B 144 -2.72 -33.24 16.61
N ILE B 145 -1.49 -33.52 16.21
CA ILE B 145 -1.16 -33.75 14.79
C ILE B 145 -1.73 -35.09 14.28
N THR B 146 -1.74 -36.15 15.09
CA THR B 146 -2.36 -37.45 14.73
C THR B 146 -3.88 -37.30 14.55
N PHE B 147 -4.56 -36.58 15.44
CA PHE B 147 -5.98 -36.30 15.28
C PHE B 147 -6.25 -35.43 14.04
N SER B 148 -5.45 -34.39 13.78
CA SER B 148 -5.61 -33.54 12.61
C SER B 148 -5.49 -34.35 11.31
N ALA B 149 -4.43 -35.14 11.14
CA ALA B 149 -4.23 -35.95 9.94
C ALA B 149 -5.33 -37.01 9.76
N GLY B 150 -5.71 -37.71 10.82
CA GLY B 150 -6.74 -38.76 10.77
C GLY B 150 -8.15 -38.23 10.51
N PHE B 151 -8.56 -37.15 11.18
CA PHE B 151 -9.86 -36.52 10.93
C PHE B 151 -9.97 -35.96 9.51
N THR B 152 -8.90 -35.33 9.01
CA THR B 152 -8.85 -34.83 7.62
C THR B 152 -8.94 -35.98 6.61
N GLN B 153 -8.21 -37.08 6.84
CA GLN B 153 -8.23 -38.29 6.01
C GLN B 153 -9.63 -38.93 5.92
N ILE B 154 -10.41 -38.97 7.00
CA ILE B 154 -11.76 -39.55 6.98
C ILE B 154 -12.75 -38.65 6.20
N LEU B 155 -12.84 -37.35 6.51
CA LEU B 155 -13.82 -36.46 5.89
C LEU B 155 -13.52 -36.11 4.43
N ALA B 156 -12.31 -35.58 4.15
CA ALA B 156 -12.01 -34.91 2.89
C ALA B 156 -10.50 -34.83 2.64
N PRO B 157 -9.88 -35.87 2.05
CA PRO B 157 -8.44 -35.90 1.78
C PRO B 157 -7.91 -34.69 1.00
N GLN B 158 -8.71 -34.06 0.14
CA GLN B 158 -8.34 -32.85 -0.60
C GLN B 158 -8.11 -31.60 0.27
N ALA B 159 -8.45 -31.62 1.56
CA ALA B 159 -8.22 -30.52 2.49
C ALA B 159 -6.78 -30.42 3.04
N VAL B 160 -5.89 -31.41 2.83
CA VAL B 160 -4.48 -31.28 3.27
C VAL B 160 -3.71 -30.25 2.45
N GLY B 161 -2.63 -29.69 3.02
CA GLY B 161 -1.79 -28.66 2.38
C GLY B 161 -2.41 -27.26 2.42
N SER B 162 -1.82 -26.33 1.67
CA SER B 162 -2.27 -24.95 1.54
C SER B 162 -3.37 -24.81 0.48
N GLY B 163 -4.16 -23.74 0.50
CA GLY B 163 -5.25 -23.49 -0.47
C GLY B 163 -4.94 -22.63 -1.71
N ILE B 164 -3.81 -21.93 -1.77
CA ILE B 164 -3.47 -20.97 -2.84
C ILE B 164 -3.21 -21.65 -4.21
N PRO B 165 -2.41 -22.74 -4.33
CA PRO B 165 -2.23 -23.48 -5.57
C PRO B 165 -3.54 -23.93 -6.26
N GLU B 166 -4.49 -24.46 -5.49
CA GLU B 166 -5.81 -24.84 -5.99
C GLU B 166 -6.69 -23.65 -6.36
N MET B 167 -6.81 -22.61 -5.53
CA MET B 167 -7.62 -21.45 -5.93
C MET B 167 -7.04 -20.73 -7.16
N LYS B 168 -5.72 -20.66 -7.33
CA LYS B 168 -5.08 -20.15 -8.54
C LYS B 168 -5.49 -20.95 -9.78
N THR B 169 -5.61 -22.27 -9.64
CA THR B 169 -6.06 -23.18 -10.71
C THR B 169 -7.56 -23.03 -11.01
N ILE B 170 -8.42 -22.93 -9.99
CA ILE B 170 -9.87 -22.75 -10.13
C ILE B 170 -10.22 -21.41 -10.80
N LEU B 171 -9.56 -20.31 -10.46
CA LEU B 171 -9.79 -19.01 -11.12
C LEU B 171 -9.37 -19.00 -12.60
N ARG B 172 -8.44 -19.88 -13.01
CA ARG B 172 -8.03 -20.14 -14.40
C ARG B 172 -9.04 -20.99 -15.20
N GLY B 173 -10.25 -21.23 -14.70
CA GLY B 173 -11.30 -21.97 -15.38
C GLY B 173 -11.26 -23.51 -15.28
N VAL B 174 -10.22 -24.09 -14.68
CA VAL B 174 -10.15 -25.53 -14.37
C VAL B 174 -11.15 -25.91 -13.27
N VAL B 175 -11.72 -27.11 -13.33
CA VAL B 175 -12.64 -27.64 -12.29
C VAL B 175 -11.94 -28.72 -11.48
N LEU B 176 -11.92 -28.57 -10.15
CA LEU B 176 -11.45 -29.57 -9.18
C LEU B 176 -12.67 -30.12 -8.43
N LYS B 177 -12.87 -31.44 -8.43
CA LYS B 177 -14.22 -32.05 -8.33
C LYS B 177 -15.04 -31.68 -7.09
N GLU B 178 -14.52 -31.91 -5.89
CA GLU B 178 -15.24 -31.66 -4.63
C GLU B 178 -14.58 -30.59 -3.75
N TYR B 179 -13.76 -29.71 -4.33
CA TYR B 179 -12.86 -28.84 -3.58
C TYR B 179 -13.56 -27.81 -2.67
N LEU B 180 -14.79 -27.39 -2.97
CA LEU B 180 -15.51 -26.33 -2.25
C LEU B 180 -16.81 -26.82 -1.55
N THR B 181 -16.92 -28.10 -1.21
CA THR B 181 -18.08 -28.67 -0.49
C THR B 181 -18.09 -28.39 1.03
N LEU B 182 -19.24 -28.56 1.69
CA LEU B 182 -19.38 -28.43 3.14
C LEU B 182 -18.52 -29.44 3.94
N LYS B 183 -18.31 -30.67 3.45
CA LYS B 183 -17.39 -31.62 4.09
C LYS B 183 -15.93 -31.13 4.06
N THR B 184 -15.51 -30.48 2.97
CA THR B 184 -14.17 -29.89 2.89
C THR B 184 -14.01 -28.70 3.85
N PHE B 185 -15.04 -27.87 4.04
CA PHE B 185 -15.03 -26.78 5.02
C PHE B 185 -14.87 -27.29 6.45
N ILE B 186 -15.62 -28.32 6.86
CA ILE B 186 -15.50 -28.92 8.20
C ILE B 186 -14.13 -29.56 8.41
N ALA B 187 -13.59 -30.27 7.41
CA ALA B 187 -12.24 -30.81 7.47
C ALA B 187 -11.15 -29.73 7.58
N LYS B 188 -11.25 -28.61 6.85
CA LYS B 188 -10.31 -27.48 6.99
C LYS B 188 -10.36 -26.82 8.36
N VAL B 189 -11.53 -26.45 8.88
CA VAL B 189 -11.62 -25.65 10.11
C VAL B 189 -11.16 -26.43 11.35
N ILE B 190 -11.61 -27.68 11.50
CA ILE B 190 -11.19 -28.56 12.60
C ILE B 190 -9.73 -28.99 12.43
N GLY B 191 -9.33 -29.39 11.22
CA GLY B 191 -7.97 -29.83 10.93
C GLY B 191 -6.91 -28.74 11.09
N LEU B 192 -7.20 -27.49 10.73
CA LEU B 192 -6.29 -26.33 10.88
C LEU B 192 -6.13 -25.92 12.34
N THR B 193 -7.22 -25.92 13.11
CA THR B 193 -7.19 -25.60 14.55
C THR B 193 -6.33 -26.58 15.34
N CYS B 194 -6.44 -27.88 15.08
CA CYS B 194 -5.57 -28.88 15.72
C CYS B 194 -4.12 -28.81 15.26
N ALA B 195 -3.85 -28.55 13.98
CA ALA B 195 -2.49 -28.42 13.48
C ALA B 195 -1.74 -27.22 14.09
N LEU B 196 -2.36 -26.03 14.12
CA LEU B 196 -1.77 -24.82 14.71
C LEU B 196 -1.70 -24.84 16.23
N GLY B 197 -2.71 -25.39 16.91
CA GLY B 197 -2.75 -25.52 18.37
C GLY B 197 -1.67 -26.43 18.95
N SER B 198 -0.98 -27.23 18.12
CA SER B 198 0.11 -28.10 18.53
C SER B 198 1.42 -27.35 18.87
N GLY B 199 1.67 -26.18 18.28
CA GLY B 199 2.96 -25.48 18.37
C GLY B 199 4.02 -25.94 17.35
N MET B 200 3.69 -26.78 16.38
CA MET B 200 4.54 -27.07 15.20
C MET B 200 4.79 -25.81 14.34
N PRO B 201 5.90 -25.73 13.58
CA PRO B 201 6.27 -24.55 12.78
C PRO B 201 5.42 -24.39 11.50
N LEU B 202 4.15 -24.06 11.66
CA LEU B 202 3.12 -24.04 10.61
C LEU B 202 2.45 -22.67 10.50
N GLY B 203 2.04 -22.29 9.29
CA GLY B 203 1.30 -21.06 9.01
C GLY B 203 -0.17 -21.29 8.67
N LYS B 204 -0.91 -20.24 8.29
CA LYS B 204 -2.34 -20.31 7.97
C LYS B 204 -2.82 -19.44 6.80
N GLU B 205 -1.94 -18.84 5.99
CA GLU B 205 -2.34 -17.93 4.91
C GLU B 205 -3.09 -18.63 3.77
N GLY B 206 -2.57 -19.77 3.30
CA GLY B 206 -3.20 -20.59 2.27
C GLY B 206 -4.52 -21.23 2.73
N PRO B 207 -4.58 -21.88 3.90
CA PRO B 207 -5.83 -22.36 4.48
C PRO B 207 -6.92 -21.28 4.63
N PHE B 208 -6.58 -20.04 4.97
CA PHE B 208 -7.55 -18.95 5.06
C PHE B 208 -8.09 -18.50 3.70
N VAL B 209 -7.30 -18.55 2.62
CA VAL B 209 -7.77 -18.31 1.26
C VAL B 209 -8.81 -19.34 0.81
N HIS B 210 -8.62 -20.62 1.14
CA HIS B 210 -9.60 -21.67 0.85
C HIS B 210 -10.86 -21.57 1.71
N ILE B 211 -10.74 -21.29 3.02
CA ILE B 211 -11.90 -21.10 3.90
C ILE B 211 -12.76 -19.91 3.48
N ALA B 212 -12.15 -18.77 3.10
CA ALA B 212 -12.90 -17.64 2.55
C ALA B 212 -13.59 -17.97 1.23
N SER B 213 -12.94 -18.71 0.33
CA SER B 213 -13.52 -19.17 -0.93
C SER B 213 -14.71 -20.12 -0.72
N MET B 214 -14.66 -21.00 0.27
CA MET B 214 -15.81 -21.81 0.66
C MET B 214 -16.93 -20.99 1.30
N CYS B 215 -16.66 -19.96 2.10
CA CYS B 215 -17.69 -19.01 2.54
C CYS B 215 -18.38 -18.35 1.33
N ALA B 216 -17.62 -17.91 0.32
CA ALA B 216 -18.16 -17.29 -0.89
C ALA B 216 -19.02 -18.27 -1.74
N ALA B 217 -18.55 -19.49 -1.96
CA ALA B 217 -19.29 -20.51 -2.68
C ALA B 217 -20.61 -20.88 -1.99
N LEU B 218 -20.60 -21.08 -0.67
CA LEU B 218 -21.81 -21.38 0.09
C LEU B 218 -22.75 -20.16 0.16
N LEU B 219 -22.23 -18.95 0.34
CA LEU B 219 -23.03 -17.72 0.37
C LEU B 219 -23.68 -17.39 -1.00
N SER B 220 -23.01 -17.64 -2.12
CA SER B 220 -23.60 -17.45 -3.45
C SER B 220 -24.61 -18.54 -3.81
N LYS B 221 -24.49 -19.74 -3.24
CA LYS B 221 -25.52 -20.79 -3.30
C LYS B 221 -26.74 -20.46 -2.45
N PHE B 222 -26.57 -19.72 -1.36
CA PHE B 222 -27.66 -19.20 -0.52
C PHE B 222 -28.37 -17.98 -1.14
N LEU B 223 -27.63 -17.00 -1.65
CA LEU B 223 -28.12 -15.85 -2.41
C LEU B 223 -28.33 -16.23 -3.89
N SER B 224 -29.27 -17.13 -4.17
CA SER B 224 -29.50 -17.78 -5.47
C SER B 224 -29.50 -16.81 -6.66
N GLU B 231 -21.72 -17.75 -17.95
CA GLU B 231 -22.13 -16.34 -17.86
C GLU B 231 -22.37 -15.95 -16.39
N ASN B 232 -23.05 -16.82 -15.64
CA ASN B 232 -22.89 -16.90 -14.18
C ASN B 232 -21.54 -17.53 -13.79
N GLU B 233 -20.85 -18.21 -14.70
CA GLU B 233 -19.48 -18.70 -14.53
C GLU B 233 -18.47 -17.53 -14.40
N SER B 234 -18.70 -16.44 -15.13
CA SER B 234 -17.93 -15.20 -14.99
C SER B 234 -18.17 -14.54 -13.63
N ARG B 235 -19.44 -14.48 -13.17
CA ARG B 235 -19.79 -14.01 -11.82
C ARG B 235 -19.24 -14.92 -10.71
N ASN B 236 -19.16 -16.24 -10.93
CA ASN B 236 -18.50 -17.17 -10.02
C ASN B 236 -17.01 -16.85 -9.86
N THR B 237 -16.31 -16.59 -10.97
CA THR B 237 -14.89 -16.20 -10.91
C THR B 237 -14.69 -14.84 -10.23
N GLU B 238 -15.57 -13.89 -10.50
CA GLU B 238 -15.62 -12.57 -9.86
C GLU B 238 -15.89 -12.66 -8.34
N MET B 239 -16.71 -13.62 -7.92
CA MET B 239 -17.07 -13.92 -6.52
C MET B 239 -15.91 -14.54 -5.74
N LEU B 240 -15.21 -15.53 -6.30
CA LEU B 240 -14.09 -16.21 -5.65
C LEU B 240 -12.84 -15.32 -5.52
N ALA B 241 -12.57 -14.43 -6.47
CA ALA B 241 -11.44 -13.51 -6.40
C ALA B 241 -11.53 -12.50 -5.24
N ALA B 242 -12.70 -11.93 -4.95
CA ALA B 242 -12.89 -11.09 -3.76
C ALA B 242 -12.72 -11.87 -2.45
N ALA B 243 -13.14 -13.13 -2.41
CA ALA B 243 -12.94 -14.02 -1.27
C ALA B 243 -11.47 -14.32 -1.00
N CYS B 244 -10.64 -14.50 -2.02
CA CYS B 244 -9.20 -14.66 -1.84
C CYS B 244 -8.55 -13.42 -1.19
N ALA B 245 -9.02 -12.22 -1.51
CA ALA B 245 -8.55 -10.98 -0.90
C ALA B 245 -8.96 -10.86 0.58
N VAL B 246 -10.20 -11.21 0.91
CA VAL B 246 -10.69 -11.24 2.30
C VAL B 246 -9.93 -12.26 3.16
N GLY B 247 -9.63 -13.45 2.62
CA GLY B 247 -8.91 -14.50 3.33
C GLY B 247 -7.52 -14.09 3.83
N VAL B 248 -6.68 -13.52 2.96
CA VAL B 248 -5.36 -12.99 3.35
C VAL B 248 -5.48 -11.80 4.30
N GLY B 249 -6.42 -10.89 4.08
CA GLY B 249 -6.66 -9.74 4.96
C GLY B 249 -7.04 -10.14 6.39
N CYS B 250 -7.90 -11.15 6.58
CA CYS B 250 -8.23 -11.69 7.90
C CYS B 250 -7.05 -12.42 8.58
N CYS B 251 -6.16 -13.02 7.79
CA CYS B 251 -5.02 -13.75 8.30
C CYS B 251 -4.01 -12.84 9.02
N PHE B 252 -3.62 -11.73 8.40
CA PHE B 252 -2.62 -10.79 8.93
C PHE B 252 -3.21 -9.57 9.65
N ALA B 253 -4.53 -9.39 9.68
CA ALA B 253 -5.18 -8.14 10.08
C ALA B 253 -4.63 -6.90 9.33
N ALA B 254 -4.34 -7.08 8.04
CA ALA B 254 -3.67 -6.14 7.15
C ALA B 254 -4.53 -5.92 5.89
N PRO B 255 -5.56 -5.06 5.93
CA PRO B 255 -6.54 -4.91 4.85
C PRO B 255 -5.97 -4.56 3.48
N ILE B 256 -5.02 -3.63 3.34
CA ILE B 256 -4.52 -3.21 2.02
C ILE B 256 -3.48 -4.21 1.49
N GLY B 257 -2.52 -4.62 2.32
CA GLY B 257 -1.48 -5.57 1.97
C GLY B 257 -2.03 -6.95 1.65
N GLY B 258 -3.08 -7.39 2.35
CA GLY B 258 -3.78 -8.63 2.08
C GLY B 258 -4.47 -8.68 0.72
N VAL B 259 -5.15 -7.60 0.32
CA VAL B 259 -5.72 -7.46 -1.03
C VAL B 259 -4.63 -7.50 -2.10
N LEU B 260 -3.56 -6.71 -1.96
CA LEU B 260 -2.46 -6.67 -2.93
C LEU B 260 -1.68 -7.99 -3.03
N PHE B 261 -1.42 -8.68 -1.92
CA PHE B 261 -0.78 -10.00 -1.91
C PHE B 261 -1.65 -11.06 -2.58
N SER B 262 -2.96 -11.09 -2.31
CA SER B 262 -3.87 -12.03 -2.97
C SER B 262 -3.93 -11.85 -4.50
N ILE B 263 -3.81 -10.62 -5.00
CA ILE B 263 -3.72 -10.32 -6.43
C ILE B 263 -2.41 -10.88 -7.01
N GLU B 264 -1.26 -10.65 -6.38
CA GLU B 264 0.03 -11.16 -6.85
C GLU B 264 0.11 -12.69 -6.89
N VAL B 265 -0.53 -13.42 -5.97
CA VAL B 265 -0.44 -14.89 -5.91
C VAL B 265 -1.55 -15.64 -6.63
N THR B 266 -2.75 -15.08 -6.79
CA THR B 266 -3.88 -15.79 -7.45
C THR B 266 -4.10 -15.46 -8.94
N SER B 267 -3.35 -14.52 -9.53
CA SER B 267 -3.61 -14.04 -10.90
C SER B 267 -2.37 -13.50 -11.62
N THR B 268 -2.45 -13.34 -12.94
CA THR B 268 -1.39 -12.72 -13.79
C THR B 268 -1.78 -11.35 -14.36
N PHE B 269 -3.06 -11.16 -14.70
CA PHE B 269 -3.72 -9.88 -14.96
C PHE B 269 -4.93 -9.76 -14.04
N PHE B 270 -5.14 -8.60 -13.44
CA PHE B 270 -6.29 -8.37 -12.55
C PHE B 270 -7.01 -7.05 -12.85
N ALA B 271 -8.33 -7.09 -12.86
CA ALA B 271 -9.15 -5.91 -13.09
C ALA B 271 -9.08 -4.91 -11.92
N VAL B 272 -9.06 -3.60 -12.22
CA VAL B 272 -9.20 -2.54 -11.23
C VAL B 272 -10.54 -2.67 -10.48
N ARG B 273 -11.62 -3.11 -11.14
CA ARG B 273 -12.91 -3.41 -10.51
C ARG B 273 -12.83 -4.46 -9.39
N ASN B 274 -12.03 -5.51 -9.56
CA ASN B 274 -11.88 -6.53 -8.54
C ASN B 274 -10.92 -6.10 -7.42
N TYR B 275 -9.97 -5.19 -7.68
CA TYR B 275 -9.24 -4.47 -6.62
C TYR B 275 -10.19 -3.61 -5.76
N TRP B 276 -11.15 -2.90 -6.36
CA TRP B 276 -12.17 -2.17 -5.58
C TRP B 276 -13.08 -3.10 -4.77
N ARG B 277 -13.57 -4.21 -5.35
CA ARG B 277 -14.42 -5.18 -4.63
C ARG B 277 -13.67 -5.86 -3.48
N GLY B 278 -12.40 -6.20 -3.66
CA GLY B 278 -11.53 -6.68 -2.59
C GLY B 278 -11.27 -5.67 -1.48
N PHE B 279 -10.95 -4.42 -1.82
CA PHE B 279 -10.75 -3.32 -0.87
C PHE B 279 -12.02 -3.02 -0.06
N PHE B 280 -13.19 -3.06 -0.69
CA PHE B 280 -14.49 -2.93 -0.03
C PHE B 280 -14.73 -4.03 1.03
N ALA B 281 -14.57 -5.30 0.66
CA ALA B 281 -14.85 -6.41 1.58
C ALA B 281 -13.83 -6.51 2.72
N ALA B 282 -12.54 -6.29 2.47
CA ALA B 282 -11.50 -6.23 3.51
C ALA B 282 -11.70 -5.10 4.53
N THR B 283 -12.24 -3.95 4.13
CA THR B 283 -12.56 -2.84 5.04
C THR B 283 -13.66 -3.22 6.03
N PHE B 284 -14.70 -3.92 5.58
CA PHE B 284 -15.78 -4.36 6.46
C PHE B 284 -15.32 -5.42 7.47
N SER B 285 -14.42 -6.34 7.11
CA SER B 285 -13.79 -7.25 8.06
C SER B 285 -12.94 -6.53 9.11
N ALA B 286 -12.13 -5.54 8.71
CA ALA B 286 -11.33 -4.74 9.63
C ALA B 286 -12.18 -4.00 10.67
N PHE B 287 -13.32 -3.47 10.26
CA PHE B 287 -14.33 -2.89 11.15
C PHE B 287 -14.91 -3.91 12.14
N ILE B 288 -15.31 -5.10 11.69
CA ILE B 288 -15.82 -6.14 12.59
C ILE B 288 -14.75 -6.61 13.59
N PHE B 289 -13.48 -6.77 13.18
CA PHE B 289 -12.39 -7.02 14.12
C PHE B 289 -12.20 -5.89 15.14
N ARG B 290 -12.21 -4.61 14.73
CA ARG B 290 -12.14 -3.47 15.66
C ARG B 290 -13.29 -3.47 16.66
N VAL B 291 -14.52 -3.79 16.26
CA VAL B 291 -15.65 -3.92 17.18
C VAL B 291 -15.43 -5.07 18.18
N LEU B 292 -15.10 -6.27 17.71
CA LEU B 292 -14.85 -7.45 18.55
C LEU B 292 -13.67 -7.26 19.51
N ALA B 293 -12.64 -6.52 19.11
CA ALA B 293 -11.43 -6.29 19.90
C ALA B 293 -11.59 -5.32 21.08
N VAL B 294 -12.72 -4.60 21.20
CA VAL B 294 -12.90 -3.58 22.25
C VAL B 294 -14.29 -3.59 22.89
N TRP B 295 -15.37 -3.70 22.11
CA TRP B 295 -16.73 -3.45 22.63
C TRP B 295 -17.32 -4.64 23.41
N ASN B 296 -16.78 -5.84 23.20
CA ASN B 296 -17.24 -7.09 23.83
C ASN B 296 -16.10 -7.88 24.51
N ARG B 297 -14.87 -7.36 24.56
CA ARG B 297 -13.73 -7.95 25.28
C ARG B 297 -13.99 -7.95 26.79
N THR B 303 -6.38 -2.37 15.24
CA THR B 303 -5.10 -2.48 15.96
C THR B 303 -4.12 -3.41 15.26
N ALA B 304 -2.84 -3.05 15.23
CA ALA B 304 -1.76 -3.85 14.66
C ALA B 304 -1.39 -5.06 15.56
N LEU B 305 -1.05 -6.21 14.97
CA LEU B 305 -0.74 -7.44 15.71
C LEU B 305 0.62 -7.43 16.43
N PHE B 306 1.64 -6.77 15.86
CA PHE B 306 3.02 -6.76 16.36
C PHE B 306 3.57 -5.32 16.47
N LYS B 307 2.86 -4.46 17.21
CA LYS B 307 3.13 -3.01 17.34
C LYS B 307 4.58 -2.70 17.69
N THR B 308 5.28 -2.00 16.81
CA THR B 308 6.60 -1.44 17.09
C THR B 308 6.52 -0.05 17.71
N ARG B 309 7.58 0.36 18.41
CA ARG B 309 7.68 1.67 19.11
C ARG B 309 9.05 2.29 18.83
N PHE B 310 9.40 2.45 17.56
CA PHE B 310 10.64 3.13 17.16
C PHE B 310 10.44 4.66 17.16
N ARG B 311 11.55 5.41 17.32
CA ARG B 311 11.58 6.88 17.23
C ARG B 311 11.31 7.36 15.80
N LEU B 312 10.62 8.50 15.64
CA LEU B 312 10.41 9.13 14.32
C LEU B 312 11.57 10.05 13.89
N ASP B 313 12.34 10.59 14.83
CA ASP B 313 13.51 11.43 14.53
C ASP B 313 14.75 10.58 14.24
N PHE B 314 15.22 10.59 13.00
CA PHE B 314 16.43 9.89 12.54
C PHE B 314 16.47 8.40 12.95
N PRO B 315 15.51 7.57 12.50
CA PRO B 315 15.45 6.15 12.85
C PRO B 315 16.64 5.35 12.30
N PHE B 316 17.17 5.75 11.14
CA PHE B 316 18.35 5.21 10.49
C PHE B 316 19.13 6.33 9.79
N ASP B 317 20.43 6.17 9.65
CA ASP B 317 21.32 7.04 8.88
C ASP B 317 21.47 6.60 7.41
N LEU B 318 21.78 7.52 6.50
CA LEU B 318 22.15 7.23 5.11
C LEU B 318 23.29 6.18 5.01
N GLN B 319 24.24 6.17 5.94
CA GLN B 319 25.35 5.22 5.97
C GLN B 319 24.94 3.79 6.38
N GLU B 320 23.73 3.57 6.91
CA GLU B 320 23.21 2.22 7.23
C GLU B 320 22.62 1.50 6.00
N LEU B 321 22.31 2.20 4.90
CA LEU B 321 21.67 1.62 3.71
C LEU B 321 22.42 0.44 3.07
N PRO B 322 23.76 0.38 3.03
CA PRO B 322 24.48 -0.82 2.57
C PRO B 322 24.16 -2.10 3.35
N ALA B 323 23.84 -2.03 4.64
CA ALA B 323 23.50 -3.21 5.45
C ALA B 323 22.08 -3.72 5.13
N PHE B 324 21.09 -2.85 4.99
CA PHE B 324 19.75 -3.25 4.52
C PHE B 324 19.77 -3.85 3.09
N ALA B 325 20.71 -3.44 2.24
CA ALA B 325 20.92 -4.08 0.93
C ALA B 325 21.56 -5.48 1.00
N VAL B 326 22.42 -5.76 1.99
CA VAL B 326 22.96 -7.10 2.28
C VAL B 326 21.87 -8.05 2.78
N ILE B 327 20.96 -7.56 3.63
CA ILE B 327 19.78 -8.33 4.05
C ILE B 327 18.93 -8.74 2.84
N GLY B 328 18.67 -7.83 1.89
CA GLY B 328 17.91 -8.14 0.68
C GLY B 328 18.57 -9.18 -0.22
N ILE B 329 19.87 -9.08 -0.47
CA ILE B 329 20.60 -10.03 -1.31
C ILE B 329 20.68 -11.42 -0.65
N ALA B 330 21.00 -11.48 0.65
CA ALA B 330 21.09 -12.73 1.41
C ALA B 330 19.71 -13.42 1.55
N SER B 331 18.63 -12.65 1.69
CA SER B 331 17.27 -13.17 1.69
C SER B 331 16.86 -13.77 0.34
N GLY B 332 17.34 -13.25 -0.78
CA GLY B 332 17.07 -13.82 -2.10
C GLY B 332 17.68 -15.21 -2.29
N PHE B 333 18.92 -15.42 -1.85
CA PHE B 333 19.54 -16.76 -1.85
C PHE B 333 18.88 -17.72 -0.85
N GLY B 334 18.51 -17.26 0.35
CA GLY B 334 17.81 -18.05 1.35
C GLY B 334 16.38 -18.45 0.97
N GLY B 335 15.61 -17.57 0.33
CA GLY B 335 14.24 -17.85 -0.12
C GLY B 335 14.18 -18.83 -1.29
N ALA B 336 15.13 -18.76 -2.22
CA ALA B 336 15.32 -19.78 -3.25
C ALA B 336 15.74 -21.14 -2.66
N LEU B 337 16.64 -21.17 -1.67
CA LEU B 337 17.03 -22.41 -1.00
C LEU B 337 15.86 -23.07 -0.27
N PHE B 338 14.95 -22.30 0.34
CA PHE B 338 13.80 -22.85 1.04
C PHE B 338 12.85 -23.61 0.11
N VAL B 339 12.52 -23.03 -1.05
CA VAL B 339 11.65 -23.66 -2.06
C VAL B 339 12.29 -24.91 -2.64
N TYR B 340 13.58 -24.85 -2.98
CA TYR B 340 14.34 -26.02 -3.41
C TYR B 340 14.34 -27.15 -2.38
N LEU B 341 14.59 -26.85 -1.10
CA LEU B 341 14.60 -27.85 -0.03
C LEU B 341 13.22 -28.49 0.17
N ASN B 342 12.13 -27.71 0.19
CA ASN B 342 10.77 -28.23 0.31
C ASN B 342 10.41 -29.21 -0.83
N ARG B 343 10.79 -28.92 -2.08
CA ARG B 343 10.59 -29.84 -3.21
C ARG B 343 11.49 -31.07 -3.11
N LYS B 344 12.75 -30.93 -2.71
CA LYS B 344 13.69 -32.05 -2.58
C LYS B 344 13.24 -33.06 -1.52
N ILE B 345 12.61 -32.62 -0.43
CA ILE B 345 12.01 -33.50 0.59
C ILE B 345 10.86 -34.34 0.02
N VAL B 346 10.00 -33.75 -0.83
CA VAL B 346 8.92 -34.49 -1.52
C VAL B 346 9.46 -35.47 -2.57
N GLN B 347 10.40 -35.03 -3.40
CA GLN B 347 10.98 -35.89 -4.45
C GLN B 347 11.74 -37.10 -3.90
N VAL B 348 12.45 -36.97 -2.77
CA VAL B 348 13.26 -38.08 -2.24
C VAL B 348 12.40 -39.21 -1.69
N MET B 349 11.28 -38.93 -1.02
CA MET B 349 10.41 -39.99 -0.51
C MET B 349 9.55 -40.63 -1.60
N ARG B 350 9.14 -39.90 -2.65
CA ARG B 350 8.42 -40.49 -3.80
C ARG B 350 9.26 -41.51 -4.55
N LYS B 351 10.59 -41.40 -4.50
CA LYS B 351 11.56 -42.30 -5.14
C LYS B 351 11.83 -43.59 -4.35
N GLN B 352 11.59 -43.63 -3.04
CA GLN B 352 11.79 -44.84 -2.24
C GLN B 352 10.70 -45.89 -2.49
N LYS B 353 11.08 -47.17 -2.64
CA LYS B 353 10.15 -48.28 -2.92
C LYS B 353 9.42 -48.75 -1.67
N THR B 354 10.14 -49.40 -0.76
CA THR B 354 9.56 -50.06 0.43
C THR B 354 9.06 -49.08 1.48
N ILE B 355 9.79 -47.98 1.71
CA ILE B 355 9.41 -46.92 2.66
C ILE B 355 8.05 -46.30 2.28
N ASN B 356 7.87 -45.90 1.02
CA ASN B 356 6.60 -45.33 0.56
C ASN B 356 5.44 -46.34 0.63
N ARG B 357 5.64 -47.57 0.16
CA ARG B 357 4.62 -48.64 0.18
C ARG B 357 4.24 -49.09 1.61
N PHE B 358 5.14 -48.97 2.58
CA PHE B 358 4.83 -49.13 4.00
C PHE B 358 4.04 -47.94 4.57
N LEU B 359 4.55 -46.72 4.42
CA LEU B 359 3.92 -45.53 5.03
C LEU B 359 2.54 -45.21 4.42
N MET B 360 2.28 -45.51 3.15
CA MET B 360 0.94 -45.34 2.57
C MET B 360 -0.11 -46.33 3.12
N ARG B 361 0.31 -47.47 3.67
CA ARG B 361 -0.56 -48.35 4.48
C ARG B 361 -0.67 -47.87 5.92
N LYS B 362 0.46 -47.47 6.52
CA LYS B 362 0.57 -46.86 7.88
C LYS B 362 0.42 -45.33 7.84
N ARG B 363 -0.67 -44.79 7.29
CA ARG B 363 -0.85 -43.35 6.95
C ARG B 363 -0.47 -42.36 8.05
N LEU B 364 -0.78 -42.67 9.32
CA LEU B 364 -0.54 -41.79 10.46
C LEU B 364 0.89 -41.83 11.02
N LEU B 365 1.74 -42.76 10.59
CA LEU B 365 3.08 -42.92 11.14
C LEU B 365 4.02 -41.77 10.76
N PHE B 366 4.03 -41.33 9.49
CA PHE B 366 4.86 -40.21 9.04
C PHE B 366 4.60 -38.88 9.78
N PRO B 367 3.35 -38.37 9.91
CA PRO B 367 3.11 -37.14 10.67
C PRO B 367 3.44 -37.27 12.17
N ALA B 368 3.26 -38.44 12.78
CA ALA B 368 3.64 -38.69 14.18
C ALA B 368 5.16 -38.70 14.38
N LEU B 369 5.94 -39.32 13.50
CA LEU B 369 7.41 -39.35 13.59
C LEU B 369 8.05 -37.97 13.40
N VAL B 370 7.57 -37.16 12.44
CA VAL B 370 8.07 -35.79 12.22
C VAL B 370 7.78 -34.91 13.43
N THR B 371 6.59 -35.02 14.01
CA THR B 371 6.20 -34.25 15.19
C THR B 371 7.02 -34.63 16.43
N LEU B 372 7.30 -35.92 16.63
CA LEU B 372 8.16 -36.39 17.72
C LEU B 372 9.61 -35.90 17.59
N LEU B 373 10.18 -35.92 16.38
CA LEU B 373 11.52 -35.38 16.11
C LEU B 373 11.61 -33.89 16.43
N ILE B 374 10.74 -33.05 15.86
CA ILE B 374 10.78 -31.59 16.07
C ILE B 374 10.53 -31.26 17.54
N SER B 375 9.53 -31.87 18.16
CA SER B 375 9.19 -31.62 19.56
C SER B 375 10.29 -32.07 20.53
N THR B 376 11.05 -33.13 20.22
CA THR B 376 12.21 -33.54 21.05
C THR B 376 13.32 -32.50 21.02
N LEU B 377 13.60 -31.90 19.86
CA LEU B 377 14.67 -30.90 19.71
C LEU B 377 14.32 -29.54 20.31
N THR B 378 13.03 -29.15 20.39
CA THR B 378 12.65 -27.88 21.01
C THR B 378 12.48 -27.94 22.53
N PHE B 379 12.58 -29.13 23.16
CA PHE B 379 12.44 -29.33 24.61
C PHE B 379 13.43 -28.47 25.43
N PRO B 380 12.98 -27.47 26.21
CA PRO B 380 13.86 -26.45 26.77
C PRO B 380 14.98 -26.95 27.68
N PRO B 381 14.78 -27.87 28.66
CA PRO B 381 15.85 -28.40 29.51
C PRO B 381 16.98 -29.12 28.75
N GLY B 382 16.74 -29.59 27.53
CA GLY B 382 17.73 -30.20 26.66
C GLY B 382 18.32 -29.22 25.65
N PHE B 383 18.23 -29.52 24.36
CA PHE B 383 18.72 -28.65 23.29
C PHE B 383 17.91 -27.35 23.09
N GLY B 384 16.64 -27.28 23.51
CA GLY B 384 15.76 -26.16 23.21
C GLY B 384 16.22 -24.79 23.71
N GLN B 385 16.88 -24.72 24.86
CA GLN B 385 17.40 -23.47 25.43
C GLN B 385 18.42 -22.74 24.54
N PHE B 386 19.17 -23.46 23.69
CA PHE B 386 20.11 -22.88 22.73
C PHE B 386 19.45 -22.31 21.46
N MET B 387 18.13 -22.41 21.35
CA MET B 387 17.34 -21.92 20.21
C MET B 387 16.02 -21.26 20.65
N ALA B 388 15.98 -20.68 21.86
CA ALA B 388 14.81 -20.01 22.43
C ALA B 388 13.51 -20.85 22.40
N GLY B 389 13.61 -22.18 22.53
CA GLY B 389 12.51 -23.14 22.35
C GLY B 389 11.31 -22.96 23.28
N GLN B 390 11.50 -22.29 24.43
CA GLN B 390 10.42 -21.97 25.37
C GLN B 390 9.45 -20.88 24.88
N LEU B 391 9.80 -20.06 23.89
CA LEU B 391 8.89 -19.05 23.33
C LEU B 391 7.90 -19.67 22.33
N SER B 392 6.64 -19.20 22.34
CA SER B 392 5.69 -19.45 21.25
C SER B 392 6.00 -18.65 19.98
N GLN B 393 5.30 -18.92 18.87
CA GLN B 393 5.47 -18.22 17.60
C GLN B 393 5.19 -16.71 17.71
N LYS B 394 4.17 -16.31 18.49
CA LYS B 394 3.87 -14.90 18.84
C LYS B 394 4.95 -14.26 19.70
N GLU B 395 5.31 -14.85 20.82
CA GLU B 395 6.35 -14.29 21.72
C GLU B 395 7.70 -14.12 21.01
N THR B 396 8.08 -15.07 20.17
CA THR B 396 9.30 -15.00 19.36
C THR B 396 9.32 -13.73 18.51
N LEU B 397 8.23 -13.43 17.81
CA LEU B 397 8.13 -12.26 16.94
C LEU B 397 7.98 -10.94 17.73
N VAL B 398 7.28 -10.95 18.87
CA VAL B 398 7.21 -9.81 19.79
C VAL B 398 8.58 -9.45 20.36
N THR B 399 9.46 -10.42 20.67
CA THR B 399 10.82 -10.11 21.16
C THR B 399 11.76 -9.62 20.06
N LEU B 400 11.79 -10.24 18.86
CA LEU B 400 12.70 -9.82 17.78
C LEU B 400 12.45 -8.38 17.29
N PHE B 401 11.20 -7.91 17.35
CA PHE B 401 10.81 -6.54 17.02
C PHE B 401 10.89 -5.53 18.20
N ASP B 402 11.42 -5.87 19.38
CA ASP B 402 11.49 -4.91 20.51
C ASP B 402 12.37 -3.67 20.21
N ASN B 403 12.12 -2.54 20.88
CA ASN B 403 12.86 -1.29 20.67
C ASN B 403 14.14 -1.16 21.52
N ARG B 404 14.76 -2.27 21.95
CA ARG B 404 15.93 -2.31 22.84
C ARG B 404 17.11 -3.01 22.17
N THR B 405 18.33 -2.64 22.55
CA THR B 405 19.56 -3.25 22.02
C THR B 405 20.02 -4.31 23.02
N TRP B 406 20.23 -5.55 22.57
CA TRP B 406 20.55 -6.67 23.46
C TRP B 406 22.04 -6.74 23.81
N VAL B 407 22.94 -6.41 22.88
CA VAL B 407 24.39 -6.26 23.19
C VAL B 407 24.73 -5.02 24.02
N ARG B 408 23.79 -4.08 24.13
CA ARG B 408 23.86 -2.79 24.84
C ARG B 408 25.25 -2.14 24.79
N SER B 419 8.67 -15.18 28.79
CA SER B 419 8.13 -14.45 27.63
C SER B 419 8.99 -13.25 27.20
N THR B 420 10.02 -12.91 27.98
CA THR B 420 10.88 -11.74 27.78
C THR B 420 12.04 -12.02 26.81
N SER B 421 12.70 -10.95 26.36
CA SER B 421 13.84 -11.02 25.43
C SER B 421 15.08 -11.73 25.98
N GLN B 422 15.14 -12.03 27.29
CA GLN B 422 16.22 -12.80 27.92
C GLN B 422 16.21 -14.30 27.56
N ALA B 423 15.17 -14.81 26.91
CA ALA B 423 15.19 -16.16 26.33
C ALA B 423 16.29 -16.35 25.26
N TRP B 424 16.69 -15.28 24.58
CA TRP B 424 17.79 -15.26 23.61
C TRP B 424 19.19 -15.23 24.23
N ASN B 425 19.30 -15.19 25.56
CA ASN B 425 20.52 -14.98 26.32
C ASN B 425 20.71 -16.07 27.41
N PRO B 426 20.87 -17.37 27.05
CA PRO B 426 21.04 -18.46 28.03
C PRO B 426 22.34 -18.31 28.84
N PRO B 427 22.42 -18.79 30.09
CA PRO B 427 23.63 -18.70 30.92
C PRO B 427 24.91 -19.27 30.28
N ARG B 428 24.78 -20.37 29.52
CA ARG B 428 25.91 -21.08 28.86
C ARG B 428 26.16 -20.63 27.41
N ALA B 429 25.57 -19.53 26.95
CA ALA B 429 25.67 -19.04 25.58
C ALA B 429 25.61 -17.49 25.49
N ASN B 430 25.45 -16.94 24.28
CA ASN B 430 25.29 -15.51 24.00
C ASN B 430 24.24 -15.25 22.89
N VAL B 431 23.79 -14.01 22.75
CA VAL B 431 22.78 -13.56 21.78
C VAL B 431 23.12 -13.95 20.34
N PHE B 432 24.35 -13.74 19.90
CA PHE B 432 24.78 -14.06 18.52
C PHE B 432 24.66 -15.55 18.22
N LEU B 433 25.11 -16.42 19.12
CA LEU B 433 25.04 -17.87 18.94
C LEU B 433 23.59 -18.39 18.98
N THR B 434 22.76 -17.81 19.84
CA THR B 434 21.37 -18.21 19.98
C THR B 434 20.52 -17.82 18.77
N LEU B 435 20.79 -16.68 18.14
CA LEU B 435 20.21 -16.31 16.85
C LEU B 435 20.67 -17.23 15.71
N VAL B 436 21.96 -17.51 15.57
CA VAL B 436 22.47 -18.38 14.50
C VAL B 436 21.92 -19.80 14.59
N ILE B 437 21.83 -20.38 15.80
CA ILE B 437 21.26 -21.72 15.97
C ILE B 437 19.74 -21.71 15.68
N PHE B 438 18.98 -20.72 16.15
CA PHE B 438 17.56 -20.58 15.81
C PHE B 438 17.33 -20.54 14.30
N ILE B 439 18.09 -19.74 13.54
CA ILE B 439 17.95 -19.62 12.09
C ILE B 439 18.19 -20.97 11.40
N LEU B 440 19.29 -21.66 11.69
CA LEU B 440 19.62 -22.94 11.07
C LEU B 440 18.62 -24.05 11.43
N MET B 441 18.14 -24.12 12.66
CA MET B 441 17.18 -25.15 13.09
C MET B 441 15.78 -24.91 12.53
N LYS B 442 15.24 -23.69 12.65
CA LYS B 442 13.91 -23.36 12.12
C LYS B 442 13.83 -23.46 10.60
N PHE B 443 14.94 -23.35 9.87
CA PHE B 443 14.94 -23.46 8.42
C PHE B 443 14.56 -24.87 7.93
N TRP B 444 15.27 -25.91 8.34
CA TRP B 444 14.92 -27.29 7.94
C TRP B 444 13.67 -27.81 8.65
N MET B 445 13.39 -27.43 9.91
CA MET B 445 12.15 -27.83 10.59
C MET B 445 10.89 -27.33 9.88
N SER B 446 10.91 -26.10 9.35
CA SER B 446 9.77 -25.51 8.63
C SER B 446 9.60 -26.09 7.22
N ALA B 447 10.70 -26.36 6.50
CA ALA B 447 10.63 -27.03 5.21
C ALA B 447 10.12 -28.48 5.33
N LEU B 448 10.45 -29.21 6.40
CA LEU B 448 9.92 -30.54 6.68
C LEU B 448 8.45 -30.52 7.13
N ALA B 449 8.09 -29.76 8.16
CA ALA B 449 6.72 -29.69 8.68
C ALA B 449 5.67 -29.24 7.64
N THR B 450 6.04 -28.39 6.68
CA THR B 450 5.15 -27.93 5.60
C THR B 450 4.69 -29.06 4.66
N THR B 451 5.34 -30.22 4.65
CA THR B 451 4.98 -31.37 3.80
C THR B 451 4.03 -32.39 4.43
N ILE B 452 3.78 -32.37 5.75
CA ILE B 452 2.96 -33.40 6.40
C ILE B 452 1.47 -33.30 5.99
N PRO B 453 0.69 -34.39 5.98
CA PRO B 453 -0.70 -34.39 5.51
C PRO B 453 -1.70 -33.79 6.53
N VAL B 454 -1.61 -32.47 6.76
CA VAL B 454 -2.58 -31.67 7.54
C VAL B 454 -2.90 -30.37 6.79
N PRO B 455 -4.01 -29.68 7.07
CA PRO B 455 -4.19 -28.28 6.65
C PRO B 455 -3.12 -27.36 7.26
N CYS B 456 -2.27 -26.74 6.45
CA CYS B 456 -1.28 -25.75 6.92
C CYS B 456 -0.80 -24.81 5.80
N GLY B 457 -0.34 -23.61 6.17
CA GLY B 457 0.35 -22.64 5.31
C GLY B 457 1.84 -22.53 5.66
N ALA B 458 2.56 -21.60 5.03
CA ALA B 458 4.01 -21.44 5.19
C ALA B 458 4.53 -20.02 5.43
N PHE B 459 3.68 -18.97 5.41
CA PHE B 459 4.14 -17.57 5.49
C PHE B 459 4.78 -17.19 6.84
N MET B 460 4.08 -17.30 7.97
CA MET B 460 4.67 -16.98 9.30
C MET B 460 5.93 -17.77 9.63
N PRO B 461 6.03 -19.08 9.36
CA PRO B 461 7.29 -19.81 9.48
C PRO B 461 8.48 -19.13 8.80
N VAL B 462 8.38 -18.69 7.54
CA VAL B 462 9.51 -18.02 6.86
C VAL B 462 9.69 -16.57 7.29
N PHE B 463 8.62 -15.85 7.63
CA PHE B 463 8.67 -14.48 8.13
C PHE B 463 9.46 -14.37 9.44
N VAL B 464 9.27 -15.30 10.37
CA VAL B 464 9.99 -15.39 11.65
C VAL B 464 11.48 -15.76 11.48
N ILE B 465 11.87 -16.55 10.46
CA ILE B 465 13.28 -16.83 10.15
C ILE B 465 13.99 -15.57 9.63
N GLY B 466 13.31 -14.77 8.79
CA GLY B 466 13.82 -13.50 8.30
C GLY B 466 13.97 -12.44 9.40
N ALA B 467 13.04 -12.38 10.34
CA ALA B 467 13.14 -11.53 11.52
C ALA B 467 14.37 -11.84 12.39
N ALA B 468 14.70 -13.12 12.62
CA ALA B 468 15.90 -13.48 13.36
C ALA B 468 17.18 -13.13 12.60
N PHE B 469 17.22 -13.32 11.28
CA PHE B 469 18.36 -12.91 10.47
C PHE B 469 18.56 -11.39 10.45
N GLY B 470 17.48 -10.61 10.39
CA GLY B 470 17.52 -9.17 10.55
C GLY B 470 18.04 -8.71 11.92
N ARG B 471 17.64 -9.34 13.04
CA ARG B 471 18.28 -9.13 14.36
C ARG B 471 19.76 -9.46 14.35
N LEU B 472 20.19 -10.55 13.73
CA LEU B 472 21.60 -10.92 13.69
C LEU B 472 22.46 -9.81 13.07
N VAL B 473 22.01 -9.20 11.97
CA VAL B 473 22.68 -8.05 11.34
C VAL B 473 22.57 -6.78 12.18
N GLY B 474 21.39 -6.43 12.70
CA GLY B 474 21.19 -5.24 13.51
C GLY B 474 22.00 -5.23 14.83
N GLU B 475 22.00 -6.32 15.60
CA GLU B 475 22.83 -6.44 16.80
C GLU B 475 24.33 -6.44 16.46
N SER B 476 24.72 -6.99 15.31
CA SER B 476 26.11 -6.92 14.84
C SER B 476 26.53 -5.47 14.48
N MET B 477 25.66 -4.69 13.84
CA MET B 477 25.87 -3.25 13.61
C MET B 477 25.96 -2.47 14.92
N ALA B 478 25.04 -2.70 15.86
CA ALA B 478 25.05 -2.01 17.15
C ALA B 478 26.26 -2.36 18.05
N ALA B 479 26.88 -3.53 17.85
CA ALA B 479 28.13 -3.92 18.51
C ALA B 479 29.37 -3.30 17.86
N TRP B 480 29.31 -2.98 16.56
CA TRP B 480 30.40 -2.35 15.82
C TRP B 480 30.40 -0.81 15.97
N PHE B 481 29.23 -0.21 16.15
CA PHE B 481 29.02 1.24 16.28
C PHE B 481 28.26 1.63 17.58
N PRO B 482 28.86 1.44 18.77
CA PRO B 482 28.17 1.58 20.05
C PRO B 482 27.74 3.01 20.40
N ASP B 483 28.42 4.03 19.88
CA ASP B 483 28.08 5.46 20.04
C ASP B 483 27.36 6.08 18.83
N GLY B 484 26.85 5.24 17.93
CA GLY B 484 26.19 5.66 16.70
C GLY B 484 27.10 5.57 15.48
N ILE B 485 26.46 5.47 14.31
CA ILE B 485 27.09 5.25 13.00
C ILE B 485 27.80 6.50 12.44
N HIS B 486 27.51 7.68 13.00
CA HIS B 486 28.01 9.00 12.57
C HIS B 486 28.83 9.71 13.67
N THR B 487 29.79 10.53 13.27
CA THR B 487 30.72 11.22 14.18
C THR B 487 30.19 12.55 14.75
N ASP B 488 29.10 13.10 14.19
CA ASP B 488 28.57 14.45 14.45
C ASP B 488 28.36 14.76 15.94
N SER B 490 26.09 12.38 16.71
CA SER B 490 26.68 11.69 17.87
C SER B 490 25.65 11.33 18.96
N THR B 491 24.39 11.74 18.79
CA THR B 491 23.29 11.39 19.70
C THR B 491 22.61 10.07 19.35
N TYR B 492 22.24 9.88 18.09
CA TYR B 492 21.35 8.80 17.65
C TYR B 492 22.09 7.47 17.46
N ARG B 493 21.75 6.47 18.29
CA ARG B 493 22.30 5.10 18.23
C ARG B 493 21.47 4.22 17.30
N ILE B 494 22.06 3.12 16.83
CA ILE B 494 21.42 2.11 15.96
C ILE B 494 20.23 1.42 16.67
N VAL B 495 19.18 1.05 15.91
CA VAL B 495 17.97 0.37 16.41
C VAL B 495 17.84 -1.04 15.78
N PRO B 496 18.34 -2.12 16.42
CA PRO B 496 18.33 -3.47 15.84
C PRO B 496 16.95 -4.05 15.52
N GLY B 497 15.89 -3.59 16.18
CA GLY B 497 14.50 -3.99 15.89
C GLY B 497 13.99 -3.56 14.52
N GLY B 498 14.54 -2.49 13.94
CA GLY B 498 14.22 -2.02 12.60
C GLY B 498 14.87 -2.84 11.49
N TYR B 499 16.01 -3.48 11.77
CA TYR B 499 16.63 -4.46 10.89
C TYR B 499 15.89 -5.80 10.89
N ALA B 500 15.29 -6.20 12.02
CA ALA B 500 14.38 -7.35 12.09
C ALA B 500 13.14 -7.19 11.21
N VAL B 501 12.46 -6.03 11.23
CA VAL B 501 11.33 -5.72 10.36
C VAL B 501 11.70 -5.78 8.87
N VAL B 502 12.89 -5.31 8.49
CA VAL B 502 13.39 -5.41 7.11
C VAL B 502 13.63 -6.87 6.71
N GLY B 503 14.29 -7.66 7.54
CA GLY B 503 14.59 -9.06 7.26
C GLY B 503 13.36 -9.96 7.14
N ALA B 504 12.32 -9.73 7.94
CA ALA B 504 11.04 -10.42 7.85
C ALA B 504 10.34 -10.23 6.50
N ALA B 505 10.25 -9.00 6.00
CA ALA B 505 9.60 -8.67 4.73
C ALA B 505 10.38 -9.16 3.51
N ALA B 506 11.71 -9.12 3.55
CA ALA B 506 12.59 -9.56 2.47
C ALA B 506 12.57 -11.09 2.25
N LEU B 507 12.68 -11.91 3.31
CA LEU B 507 12.66 -13.38 3.16
C LEU B 507 11.29 -13.92 2.75
N ALA B 508 10.19 -13.40 3.31
CA ALA B 508 8.83 -13.77 2.90
C ALA B 508 8.52 -13.39 1.44
N GLY B 509 9.00 -12.25 0.96
CA GLY B 509 8.91 -11.82 -0.43
C GLY B 509 9.65 -12.75 -1.39
N ALA B 510 10.88 -13.17 -1.06
CA ALA B 510 11.65 -14.12 -1.86
C ALA B 510 11.08 -15.56 -1.92
N VAL B 511 10.31 -16.02 -0.93
CA VAL B 511 9.66 -17.35 -0.98
C VAL B 511 8.37 -17.28 -1.81
N THR B 512 7.56 -16.25 -1.60
CA THR B 512 6.26 -16.09 -2.27
C THR B 512 6.35 -15.44 -3.66
N HIS B 513 7.49 -14.89 -4.06
CA HIS B 513 7.69 -14.01 -5.22
C HIS B 513 6.69 -12.83 -5.23
N THR B 514 6.59 -12.10 -4.12
CA THR B 514 5.72 -10.91 -4.01
C THR B 514 6.49 -9.68 -3.53
N VAL B 515 6.04 -8.49 -3.92
CA VAL B 515 6.53 -7.21 -3.35
C VAL B 515 5.61 -6.66 -2.27
N SER B 516 4.34 -7.07 -2.23
CA SER B 516 3.36 -6.57 -1.26
C SER B 516 3.59 -6.99 0.20
N THR B 517 4.61 -7.80 0.50
CA THR B 517 5.08 -8.00 1.88
C THR B 517 5.57 -6.70 2.51
N ALA B 518 6.06 -5.72 1.74
CA ALA B 518 6.35 -4.38 2.24
C ALA B 518 5.11 -3.72 2.86
N VAL B 519 3.97 -3.75 2.18
CA VAL B 519 2.72 -3.14 2.68
C VAL B 519 2.18 -3.90 3.89
N ILE B 520 2.22 -5.25 3.85
CA ILE B 520 1.84 -6.13 4.98
C ILE B 520 2.65 -5.78 6.24
N VAL B 521 3.97 -5.59 6.13
CA VAL B 521 4.82 -5.33 7.30
C VAL B 521 4.53 -3.97 7.97
N PHE B 522 4.14 -2.94 7.22
CA PHE B 522 3.67 -1.67 7.80
C PHE B 522 2.33 -1.82 8.54
N GLU B 523 1.40 -2.62 8.01
CA GLU B 523 0.13 -2.87 8.68
C GLU B 523 0.24 -3.79 9.90
N LEU B 524 1.12 -4.81 9.87
CA LEU B 524 1.42 -5.67 11.03
C LEU B 524 2.07 -4.91 12.19
N THR B 525 2.97 -3.96 11.90
CA THR B 525 3.75 -3.23 12.90
C THR B 525 3.13 -1.91 13.33
N GLY B 526 2.22 -1.35 12.53
CA GLY B 526 1.56 -0.08 12.79
C GLY B 526 2.45 1.15 12.61
N GLN B 527 3.58 1.03 11.91
CA GLN B 527 4.52 2.12 11.63
C GLN B 527 5.06 2.02 10.19
N ILE B 528 5.42 3.17 9.60
CA ILE B 528 5.90 3.28 8.21
C ILE B 528 7.25 4.03 8.11
N ALA B 529 7.98 4.17 9.21
CA ALA B 529 9.26 4.88 9.29
C ALA B 529 10.44 4.19 8.54
N HIS B 530 10.41 2.87 8.37
CA HIS B 530 11.44 2.09 7.68
C HIS B 530 11.13 1.81 6.19
N ILE B 531 10.24 2.58 5.56
CA ILE B 531 9.77 2.33 4.20
C ILE B 531 10.87 2.24 3.14
N LEU B 532 11.88 3.10 3.15
CA LEU B 532 13.00 3.01 2.19
C LEU B 532 13.90 1.78 2.42
N PRO B 533 14.42 1.48 3.62
CA PRO B 533 15.08 0.20 3.93
C PRO B 533 14.29 -1.04 3.51
N VAL B 534 13.00 -1.12 3.83
CA VAL B 534 12.12 -2.22 3.45
C VAL B 534 12.02 -2.40 1.94
N MET B 535 11.73 -1.34 1.18
CA MET B 535 11.59 -1.45 -0.29
C MET B 535 12.90 -1.81 -0.99
N ILE B 536 14.04 -1.31 -0.54
CA ILE B 536 15.35 -1.73 -1.08
C ILE B 536 15.57 -3.23 -0.87
N ALA B 537 15.37 -3.74 0.35
CA ALA B 537 15.59 -5.15 0.66
C ALA B 537 14.62 -6.08 -0.10
N VAL B 538 13.33 -5.74 -0.15
CA VAL B 538 12.29 -6.52 -0.85
C VAL B 538 12.54 -6.61 -2.37
N ILE B 539 12.97 -5.55 -3.04
CA ILE B 539 13.32 -5.58 -4.47
C ILE B 539 14.59 -6.39 -4.73
N LEU B 540 15.63 -6.29 -3.90
CA LEU B 540 16.82 -7.12 -4.05
C LEU B 540 16.53 -8.61 -3.80
N ALA B 541 15.67 -8.94 -2.83
CA ALA B 541 15.29 -10.31 -2.53
C ALA B 541 14.51 -10.96 -3.69
N ASN B 542 13.54 -10.26 -4.27
CA ASN B 542 12.81 -10.70 -5.46
C ASN B 542 13.71 -10.84 -6.71
N ALA B 543 14.55 -9.85 -7.01
CA ALA B 543 15.44 -9.91 -8.18
C ALA B 543 16.41 -11.09 -8.13
N VAL B 544 16.98 -11.40 -6.96
CA VAL B 544 17.83 -12.59 -6.76
C VAL B 544 17.03 -13.90 -6.78
N ALA B 545 15.89 -14.01 -6.10
CA ALA B 545 15.15 -15.28 -6.00
C ALA B 545 14.53 -15.75 -7.32
N GLN B 546 13.91 -14.86 -8.10
CA GLN B 546 13.27 -15.19 -9.38
C GLN B 546 14.26 -15.70 -10.44
N SER B 547 15.55 -15.37 -10.31
CA SER B 547 16.63 -15.87 -11.16
C SER B 547 17.03 -17.32 -10.85
N LEU B 548 16.66 -17.84 -9.68
CA LEU B 548 17.08 -19.14 -9.15
C LEU B 548 15.96 -20.19 -9.13
N GLN B 549 14.73 -19.83 -8.72
CA GLN B 549 13.62 -20.77 -8.47
C GLN B 549 12.24 -20.18 -8.83
N PRO B 550 11.20 -21.02 -9.03
CA PRO B 550 9.80 -20.61 -8.95
C PRO B 550 9.42 -20.17 -7.52
N SER B 551 8.25 -19.57 -7.32
CA SER B 551 7.73 -19.34 -5.97
C SER B 551 7.34 -20.66 -5.30
N LEU B 552 7.06 -20.64 -3.99
CA LEU B 552 6.56 -21.82 -3.29
C LEU B 552 5.28 -22.37 -3.93
N TYR B 553 4.31 -21.51 -4.22
CA TYR B 553 3.01 -21.90 -4.78
C TYR B 553 3.11 -22.47 -6.20
N ASP B 554 3.96 -21.92 -7.07
CA ASP B 554 4.22 -22.50 -8.38
C ASP B 554 5.00 -23.83 -8.31
N SER B 555 5.89 -24.00 -7.34
CA SER B 555 6.57 -25.27 -7.10
C SER B 555 5.58 -26.38 -6.67
N ILE B 556 4.57 -26.04 -5.86
CA ILE B 556 3.53 -26.99 -5.43
C ILE B 556 2.61 -27.39 -6.61
N ILE B 557 2.21 -26.46 -7.49
CA ILE B 557 1.41 -26.77 -8.69
C ILE B 557 2.08 -27.85 -9.55
N ARG B 558 3.40 -27.76 -9.75
CA ARG B 558 4.18 -28.77 -10.48
C ARG B 558 4.26 -30.12 -9.76
N ILE B 559 4.34 -30.15 -8.44
CA ILE B 559 4.34 -31.38 -7.62
C ILE B 559 2.99 -32.10 -7.68
N LYS B 560 1.88 -31.36 -7.64
CA LYS B 560 0.50 -31.88 -7.71
C LYS B 560 0.00 -32.27 -9.11
N LYS B 561 0.76 -32.02 -10.18
CA LYS B 561 0.39 -32.26 -11.59
C LYS B 561 -0.83 -31.46 -12.08
N LEU B 562 -1.10 -30.29 -11.48
CA LEU B 562 -2.15 -29.37 -11.92
C LEU B 562 -1.75 -28.67 -13.26
N PRO B 563 -2.71 -28.29 -14.12
CA PRO B 563 -2.46 -27.53 -15.36
C PRO B 563 -1.75 -26.19 -15.10
N TYR B 564 -0.55 -26.01 -15.65
CA TYR B 564 0.38 -24.93 -15.28
C TYR B 564 0.53 -23.86 -16.38
N LEU B 565 0.29 -22.60 -16.02
CA LEU B 565 0.60 -21.42 -16.83
C LEU B 565 1.90 -20.77 -16.30
N PRO B 566 3.03 -20.85 -17.03
CA PRO B 566 4.33 -20.49 -16.48
C PRO B 566 4.50 -18.99 -16.23
CL CL C . -0.45 17.64 -7.43
CL CL D . 0.58 -17.34 8.39
#